data_2R9B
#
_entry.id   2R9B
#
_cell.length_a   219.489
_cell.length_b   69.032
_cell.length_c   53.578
_cell.angle_alpha   90.000
_cell.angle_beta   102.850
_cell.angle_gamma   90.000
#
_symmetry.space_group_name_H-M   'C 1 2 1'
#
loop_
_entity.id
_entity.type
_entity.pdbx_description
1 polymer Plasmepsin-2
2 polymer 'peptide-based inhibitor'
3 water water
#
loop_
_entity_poly.entity_id
_entity_poly.type
_entity_poly.pdbx_seq_one_letter_code
_entity_poly.pdbx_strand_id
1 'polypeptide(L)'
;SSNDNIELVDFQNIMFYGDAEVGDNQQPFTFILDTGSANLWVPSVKCTTAGCLTKHLYDSSKSRTYEKDGTKVEMNYVSG
TVSGFFSKDLVTVGNLSLPYKFIEVIDTNGFEPTYTASTFDGILGLGWKDLSIGSVDPIVVELKNQNKIENALFTFYLPV
HDKHTGFLTIGGIEERFYEGPLTYEKLNHDLYWQITLDAHVGNIMLEKANCIVDSGTSAITVPTDFLNKMLQNLDVIKVP
FLPFYVTLCNNSKLPTFEFTSENGKYTLEPEYYLQHIEDVGPGLCMLNIIGLDFPVPTFILGDPFMRKYFTVFDYDNHSV
GIALAKKNL
;
A,B
2 'polypeptide(L)' KPFS(DCL)LQF C,D
#
# COMPACT_ATOMS: atom_id res chain seq x y z
N SER A 1 -19.36 -25.57 -15.48
CA SER A 1 -20.64 -26.34 -15.26
C SER A 1 -20.85 -26.70 -13.78
N SER A 2 -19.85 -27.34 -13.17
CA SER A 2 -19.93 -27.69 -11.75
C SER A 2 -19.40 -26.49 -10.95
N ASN A 3 -19.20 -25.36 -11.65
CA ASN A 3 -18.73 -24.13 -11.04
C ASN A 3 -19.74 -23.01 -11.25
N ASP A 4 -19.57 -21.91 -10.51
CA ASP A 4 -20.46 -20.76 -10.59
C ASP A 4 -19.94 -19.80 -11.67
N ASN A 5 -20.74 -19.57 -12.72
CA ASN A 5 -20.32 -18.69 -13.80
C ASN A 5 -21.17 -17.43 -13.85
N ILE A 6 -20.52 -16.27 -13.83
CA ILE A 6 -21.23 -15.01 -13.98
C ILE A 6 -20.83 -14.48 -15.34
N GLU A 7 -21.83 -14.09 -16.15
CA GLU A 7 -21.56 -13.57 -17.48
C GLU A 7 -21.05 -12.12 -17.44
N LEU A 8 -20.08 -11.82 -18.31
CA LEU A 8 -19.52 -10.48 -18.37
C LEU A 8 -19.79 -9.85 -19.74
N VAL A 9 -20.25 -8.61 -19.74
CA VAL A 9 -20.52 -7.91 -20.98
C VAL A 9 -19.67 -6.65 -21.02
N ASP A 10 -19.14 -6.31 -22.20
CA ASP A 10 -18.31 -5.11 -22.34
C ASP A 10 -18.90 -4.15 -23.37
N PHE A 11 -19.45 -3.03 -22.88
CA PHE A 11 -20.06 -2.05 -23.78
C PHE A 11 -18.97 -1.06 -24.26
N GLN A 12 -19.02 0.19 -23.80
CA GLN A 12 -17.91 1.10 -24.14
C GLN A 12 -16.69 0.39 -23.53
N ASN A 13 -15.48 0.76 -23.97
CA ASN A 13 -14.29 0.04 -23.47
C ASN A 13 -13.65 0.67 -22.21
N ILE A 14 -14.47 1.32 -21.37
CA ILE A 14 -13.97 1.96 -20.14
C ILE A 14 -13.96 1.01 -18.93
N MET A 15 -14.99 0.16 -18.81
CA MET A 15 -15.05 -0.82 -17.71
C MET A 15 -16.26 -1.74 -17.90
N PHE A 16 -16.00 -3.05 -17.88
CA PHE A 16 -17.05 -4.05 -18.05
C PHE A 16 -17.70 -4.41 -16.72
N TYR A 17 -18.90 -4.99 -16.77
CA TYR A 17 -19.62 -5.29 -15.54
C TYR A 17 -20.17 -6.70 -15.43
N GLY A 18 -20.75 -6.98 -14.27
CA GLY A 18 -21.36 -8.26 -13.99
C GLY A 18 -22.56 -7.99 -13.12
N ASP A 19 -23.48 -8.94 -13.04
CA ASP A 19 -24.67 -8.78 -12.23
C ASP A 19 -24.64 -9.69 -11.02
N ALA A 20 -25.36 -9.27 -9.98
CA ALA A 20 -25.49 -10.04 -8.76
C ALA A 20 -26.63 -9.38 -7.99
N GLU A 21 -27.19 -10.09 -7.01
CA GLU A 21 -28.27 -9.51 -6.24
C GLU A 21 -28.02 -9.55 -4.74
N VAL A 22 -28.64 -8.59 -4.05
CA VAL A 22 -28.53 -8.44 -2.63
C VAL A 22 -29.94 -8.47 -2.10
N GLY A 23 -30.15 -9.23 -1.03
CA GLY A 23 -31.48 -9.30 -0.44
C GLY A 23 -32.22 -10.58 -0.74
N ASP A 24 -33.03 -11.05 0.22
CA ASP A 24 -33.78 -12.28 0.04
C ASP A 24 -34.76 -12.20 -1.15
N ASN A 25 -35.05 -10.98 -1.62
CA ASN A 25 -35.97 -10.83 -2.73
C ASN A 25 -35.27 -10.65 -4.08
N GLN A 26 -33.94 -10.86 -4.09
CA GLN A 26 -33.16 -10.76 -5.32
C GLN A 26 -33.08 -9.36 -5.93
N GLN A 27 -32.94 -8.33 -5.09
CA GLN A 27 -32.80 -6.97 -5.62
C GLN A 27 -31.58 -7.02 -6.55
N PRO A 28 -31.74 -6.56 -7.81
CA PRO A 28 -30.66 -6.57 -8.80
C PRO A 28 -29.77 -5.33 -8.91
N PHE A 29 -28.46 -5.56 -9.00
CA PHE A 29 -27.48 -4.48 -9.17
C PHE A 29 -26.42 -4.85 -10.22
N THR A 30 -25.83 -3.83 -10.82
CA THR A 30 -24.76 -4.00 -11.79
C THR A 30 -23.46 -3.70 -11.08
N PHE A 31 -22.57 -4.68 -11.07
CA PHE A 31 -21.32 -4.54 -10.33
C PHE A 31 -20.07 -4.50 -11.16
N ILE A 32 -19.09 -3.77 -10.64
CA ILE A 32 -17.74 -3.82 -11.16
C ILE A 32 -17.13 -4.90 -10.27
N LEU A 33 -16.62 -5.95 -10.91
CA LEU A 33 -16.04 -7.08 -10.21
C LEU A 33 -14.56 -6.78 -10.07
N ASP A 34 -14.21 -6.25 -8.91
CA ASP A 34 -12.89 -5.70 -8.67
C ASP A 34 -11.95 -6.56 -7.81
N THR A 35 -10.86 -7.04 -8.43
CA THR A 35 -9.87 -7.83 -7.70
C THR A 35 -8.93 -6.90 -6.90
N GLY A 36 -9.09 -5.58 -7.08
CA GLY A 36 -8.25 -4.63 -6.39
C GLY A 36 -8.78 -4.13 -5.06
N SER A 37 -10.00 -4.54 -4.71
CA SER A 37 -10.60 -4.11 -3.45
C SER A 37 -11.23 -5.32 -2.75
N ALA A 38 -11.64 -5.13 -1.50
CA ALA A 38 -12.17 -6.22 -0.70
C ALA A 38 -13.48 -5.93 0.01
N ASN A 39 -14.34 -5.13 -0.60
CA ASN A 39 -15.66 -4.87 -0.04
C ASN A 39 -16.70 -4.82 -1.14
N LEU A 40 -17.95 -5.06 -0.74
CA LEU A 40 -19.08 -5.07 -1.66
C LEU A 40 -20.12 -4.04 -1.21
N TRP A 41 -20.33 -3.00 -2.02
CA TRP A 41 -21.30 -1.99 -1.65
C TRP A 41 -22.32 -1.72 -2.73
N VAL A 42 -23.48 -1.23 -2.31
CA VAL A 42 -24.54 -0.85 -3.22
C VAL A 42 -25.11 0.48 -2.79
N PRO A 43 -25.60 1.28 -3.74
CA PRO A 43 -26.17 2.58 -3.37
C PRO A 43 -27.51 2.36 -2.67
N SER A 44 -27.69 3.02 -1.53
CA SER A 44 -28.88 2.83 -0.71
C SER A 44 -30.03 3.77 -1.16
N VAL A 45 -31.25 3.47 -0.70
CA VAL A 45 -32.37 4.35 -0.95
C VAL A 45 -32.27 5.45 0.12
N LYS A 46 -31.19 5.38 0.90
CA LYS A 46 -30.90 6.37 1.90
C LYS A 46 -29.90 7.33 1.30
N CYS A 47 -29.40 6.98 0.12
CA CYS A 47 -28.43 7.82 -0.54
C CYS A 47 -29.04 9.18 -0.91
N THR A 48 -28.39 10.24 -0.44
CA THR A 48 -28.86 11.60 -0.62
C THR A 48 -28.20 12.34 -1.78
N THR A 49 -27.08 11.83 -2.26
CA THR A 49 -26.36 12.47 -3.34
C THR A 49 -26.95 12.15 -4.70
N ALA A 50 -26.62 13.02 -5.68
CA ALA A 50 -27.16 12.97 -7.04
C ALA A 50 -26.74 11.77 -7.88
N GLY A 51 -25.54 11.24 -7.62
CA GLY A 51 -25.10 10.08 -8.38
C GLY A 51 -26.08 8.92 -8.29
N CYS A 52 -26.79 8.85 -7.17
CA CYS A 52 -27.74 7.79 -6.94
C CYS A 52 -29.05 7.95 -7.69
N LEU A 53 -29.37 9.16 -8.14
CA LEU A 53 -30.68 9.36 -8.78
C LEU A 53 -30.96 8.41 -9.93
N THR A 54 -29.92 7.88 -10.58
CA THR A 54 -30.13 7.01 -11.73
C THR A 54 -29.62 5.58 -11.54
N LYS A 55 -29.34 5.23 -10.28
CA LYS A 55 -28.80 3.91 -9.97
C LYS A 55 -29.85 2.97 -9.34
N HIS A 56 -29.55 1.66 -9.32
CA HIS A 56 -30.43 0.69 -8.68
C HIS A 56 -30.20 0.75 -7.19
N LEU A 57 -31.25 1.10 -6.44
CA LEU A 57 -31.10 1.26 -5.00
C LEU A 57 -31.55 0.05 -4.16
N TYR A 58 -30.75 -0.26 -3.14
CA TYR A 58 -31.07 -1.32 -2.22
C TYR A 58 -32.01 -0.78 -1.15
N ASP A 59 -33.08 -1.51 -0.90
CA ASP A 59 -34.06 -1.14 0.12
C ASP A 59 -34.15 -2.29 1.12
N SER A 60 -33.43 -2.17 2.23
CA SER A 60 -33.42 -3.23 3.24
C SER A 60 -34.81 -3.59 3.78
N SER A 61 -35.77 -2.66 3.67
CA SER A 61 -37.12 -2.91 4.18
C SER A 61 -37.92 -3.86 3.30
N LYS A 62 -37.33 -4.39 2.24
CA LYS A 62 -38.06 -5.25 1.32
C LYS A 62 -37.49 -6.67 1.30
N SER A 63 -36.48 -6.91 2.13
CA SER A 63 -35.83 -8.22 2.20
C SER A 63 -35.95 -8.84 3.59
N ARG A 64 -36.61 -10.02 3.68
CA ARG A 64 -36.78 -10.73 4.96
C ARG A 64 -35.47 -10.92 5.69
N THR A 65 -34.44 -11.27 4.93
CA THR A 65 -33.14 -11.62 5.49
C THR A 65 -32.26 -10.48 6.01
N TYR A 66 -32.61 -9.23 5.65
CA TYR A 66 -31.82 -8.07 6.09
C TYR A 66 -31.52 -8.13 7.58
N GLU A 67 -30.34 -7.64 7.95
CA GLU A 67 -29.91 -7.60 9.34
C GLU A 67 -29.04 -6.35 9.57
N LYS A 68 -29.57 -5.41 10.37
CA LYS A 68 -28.91 -4.14 10.65
C LYS A 68 -27.52 -4.22 11.31
N ASP A 69 -26.59 -3.41 10.81
CA ASP A 69 -25.26 -3.27 11.42
C ASP A 69 -25.17 -1.79 11.78
N GLY A 70 -25.07 -0.93 10.76
CA GLY A 70 -25.03 0.50 11.01
C GLY A 70 -23.71 1.22 11.19
N THR A 71 -22.64 0.50 11.54
CA THR A 71 -21.35 1.16 11.73
C THR A 71 -20.91 1.82 10.42
N LYS A 72 -20.45 3.07 10.55
CA LYS A 72 -20.02 3.87 9.40
C LYS A 72 -18.70 3.42 8.81
N VAL A 73 -18.63 3.46 7.48
CA VAL A 73 -17.43 3.02 6.79
C VAL A 73 -17.22 3.96 5.62
N GLU A 74 -15.96 4.08 5.21
CA GLU A 74 -15.60 4.89 4.05
C GLU A 74 -14.72 4.03 3.14
N MET A 75 -14.83 4.24 1.83
CA MET A 75 -14.05 3.48 0.88
C MET A 75 -13.25 4.46 0.06
N ASN A 76 -11.93 4.28 0.00
CA ASN A 76 -11.09 5.15 -0.84
C ASN A 76 -10.47 4.35 -1.96
N TYR A 77 -10.76 4.74 -3.19
CA TYR A 77 -10.20 4.08 -4.36
C TYR A 77 -9.25 5.05 -5.03
N VAL A 78 -8.48 4.54 -6.00
CA VAL A 78 -7.59 5.42 -6.75
C VAL A 78 -8.42 6.48 -7.47
N SER A 79 -9.62 6.07 -7.93
CA SER A 79 -10.51 6.94 -8.69
C SER A 79 -11.57 7.69 -7.91
N GLY A 80 -11.74 7.36 -6.63
CA GLY A 80 -12.75 8.08 -5.86
C GLY A 80 -12.99 7.56 -4.46
N THR A 81 -14.00 8.11 -3.80
CA THR A 81 -14.37 7.72 -2.45
C THR A 81 -15.89 7.61 -2.36
N VAL A 82 -16.38 6.63 -1.58
CA VAL A 82 -17.82 6.54 -1.31
C VAL A 82 -17.96 6.19 0.14
N SER A 83 -19.08 6.57 0.74
CA SER A 83 -19.29 6.32 2.15
C SER A 83 -20.72 5.88 2.41
N GLY A 84 -20.92 5.20 3.54
CA GLY A 84 -22.24 4.71 3.91
C GLY A 84 -22.12 3.97 5.22
N PHE A 85 -22.85 2.86 5.35
CA PHE A 85 -22.78 2.08 6.59
C PHE A 85 -22.92 0.60 6.27
N PHE A 86 -22.35 -0.23 7.14
CA PHE A 86 -22.41 -1.67 6.93
C PHE A 86 -23.83 -2.17 7.17
N SER A 87 -24.14 -3.29 6.52
CA SER A 87 -25.41 -3.98 6.70
C SER A 87 -25.13 -5.45 6.42
N LYS A 88 -26.10 -6.32 6.69
CA LYS A 88 -25.91 -7.74 6.50
C LYS A 88 -27.13 -8.27 5.75
N ASP A 89 -26.90 -9.05 4.70
CA ASP A 89 -28.02 -9.64 3.97
C ASP A 89 -27.52 -10.74 3.04
N LEU A 90 -28.46 -11.46 2.44
CA LEU A 90 -28.15 -12.54 1.52
C LEU A 90 -27.66 -11.99 0.20
N VAL A 91 -26.39 -12.24 -0.12
CA VAL A 91 -25.83 -11.83 -1.41
C VAL A 91 -25.83 -13.04 -2.34
N THR A 92 -26.24 -12.81 -3.59
CA THR A 92 -26.36 -13.88 -4.57
C THR A 92 -25.52 -13.56 -5.80
N VAL A 93 -24.48 -14.35 -6.03
CA VAL A 93 -23.62 -14.21 -7.21
C VAL A 93 -23.78 -15.48 -8.04
N GLY A 94 -24.31 -15.34 -9.24
CA GLY A 94 -24.53 -16.51 -10.07
C GLY A 94 -25.62 -17.40 -9.51
N ASN A 95 -25.28 -18.67 -9.27
CA ASN A 95 -26.27 -19.62 -8.75
C ASN A 95 -25.99 -20.03 -7.30
N LEU A 96 -25.25 -19.19 -6.56
CA LEU A 96 -24.93 -19.47 -5.16
C LEU A 96 -25.33 -18.25 -4.35
N SER A 97 -25.73 -18.48 -3.11
CA SER A 97 -26.14 -17.40 -2.24
C SER A 97 -25.42 -17.58 -0.93
N LEU A 98 -25.34 -16.52 -0.12
CA LEU A 98 -24.76 -16.64 1.21
C LEU A 98 -24.96 -15.36 1.96
N PRO A 99 -25.06 -15.45 3.29
CA PRO A 99 -25.24 -14.26 4.13
C PRO A 99 -23.90 -13.53 4.09
N TYR A 100 -23.94 -12.22 3.90
CA TYR A 100 -22.71 -11.47 3.76
C TYR A 100 -22.86 -10.05 4.32
N LYS A 101 -21.72 -9.46 4.68
CA LYS A 101 -21.68 -8.15 5.28
C LYS A 101 -21.26 -7.14 4.23
N PHE A 102 -22.18 -6.25 3.87
CA PHE A 102 -21.90 -5.29 2.82
C PHE A 102 -22.11 -3.86 3.29
N ILE A 103 -21.84 -2.92 2.39
CA ILE A 103 -21.94 -1.50 2.68
C ILE A 103 -23.07 -0.84 1.90
N GLU A 104 -23.95 -0.13 2.60
CA GLU A 104 -25.02 0.63 1.96
C GLU A 104 -24.44 2.04 1.78
N VAL A 105 -24.13 2.40 0.54
CA VAL A 105 -23.58 3.72 0.23
C VAL A 105 -24.65 4.82 0.15
N ILE A 106 -24.50 5.85 0.98
CA ILE A 106 -25.44 6.97 0.97
C ILE A 106 -24.79 8.26 0.48
N ASP A 107 -23.46 8.26 0.36
CA ASP A 107 -22.76 9.45 -0.12
C ASP A 107 -21.83 9.13 -1.28
N THR A 108 -22.14 9.63 -2.47
CA THR A 108 -21.30 9.39 -3.63
C THR A 108 -20.53 10.62 -4.11
N ASN A 109 -20.80 11.79 -3.52
CA ASN A 109 -20.16 13.03 -3.96
C ASN A 109 -18.66 12.93 -4.19
N GLY A 110 -17.97 12.08 -3.44
CA GLY A 110 -16.54 11.94 -3.63
C GLY A 110 -16.14 10.98 -4.73
N PHE A 111 -17.10 10.56 -5.55
CA PHE A 111 -16.84 9.61 -6.63
C PHE A 111 -17.34 10.16 -7.98
N GLU A 112 -17.45 11.48 -8.07
CA GLU A 112 -17.87 12.11 -9.32
C GLU A 112 -16.64 12.70 -10.03
N PRO A 113 -16.77 13.03 -11.32
CA PRO A 113 -18.00 12.87 -12.10
C PRO A 113 -18.13 11.44 -12.60
N THR A 114 -17.17 10.60 -12.22
CA THR A 114 -17.14 9.22 -12.70
C THR A 114 -18.43 8.45 -12.44
N TYR A 115 -18.91 8.47 -11.20
CA TYR A 115 -20.09 7.67 -10.84
C TYR A 115 -21.31 7.97 -11.72
N THR A 116 -21.74 9.23 -11.75
CA THR A 116 -22.90 9.57 -12.56
C THR A 116 -22.65 9.22 -14.03
N ALA A 117 -21.43 9.43 -14.49
CA ALA A 117 -21.12 9.18 -15.89
C ALA A 117 -21.22 7.69 -16.19
N SER A 118 -20.52 6.88 -15.40
CA SER A 118 -20.51 5.44 -15.63
C SER A 118 -21.91 4.85 -15.46
N THR A 119 -22.08 3.58 -15.82
CA THR A 119 -23.39 2.95 -15.69
C THR A 119 -23.38 1.67 -14.85
N PHE A 120 -22.74 1.74 -13.68
CA PHE A 120 -22.78 0.64 -12.74
C PHE A 120 -23.37 1.18 -11.43
N ASP A 121 -23.98 0.29 -10.65
CA ASP A 121 -24.57 0.67 -9.39
C ASP A 121 -23.51 0.64 -8.28
N GLY A 122 -22.82 -0.48 -8.14
CA GLY A 122 -21.81 -0.60 -7.12
C GLY A 122 -20.56 -1.36 -7.51
N ILE A 123 -19.83 -1.81 -6.49
CA ILE A 123 -18.59 -2.56 -6.70
C ILE A 123 -18.62 -3.82 -5.85
N LEU A 124 -17.97 -4.87 -6.34
CA LEU A 124 -17.90 -6.12 -5.62
C LEU A 124 -16.44 -6.54 -5.57
N GLY A 125 -15.80 -6.32 -4.41
CA GLY A 125 -14.40 -6.68 -4.26
C GLY A 125 -14.14 -8.17 -4.29
N LEU A 126 -13.00 -8.54 -4.86
CA LEU A 126 -12.61 -9.95 -4.96
C LEU A 126 -11.18 -10.10 -4.54
N GLY A 127 -10.80 -9.34 -3.50
CA GLY A 127 -9.43 -9.38 -3.00
C GLY A 127 -9.28 -10.17 -1.71
N TRP A 128 -8.24 -9.86 -0.94
CA TRP A 128 -8.00 -10.57 0.33
C TRP A 128 -8.53 -9.86 1.56
N LYS A 129 -8.80 -10.64 2.61
CA LYS A 129 -9.35 -10.16 3.87
C LYS A 129 -8.65 -8.94 4.47
N ASP A 130 -7.33 -9.04 4.64
CA ASP A 130 -6.53 -7.95 5.20
C ASP A 130 -6.86 -6.60 4.53
N LEU A 131 -7.04 -6.64 3.21
CA LEU A 131 -7.34 -5.46 2.42
C LEU A 131 -8.71 -4.87 2.75
N SER A 132 -9.66 -5.72 3.13
CA SER A 132 -11.01 -5.28 3.40
C SER A 132 -11.15 -4.32 4.59
N ILE A 133 -12.38 -3.84 4.78
CA ILE A 133 -12.72 -3.00 5.91
C ILE A 133 -13.83 -3.72 6.66
N GLY A 134 -13.65 -3.87 7.98
CA GLY A 134 -14.63 -4.57 8.78
C GLY A 134 -14.39 -6.06 8.76
N SER A 135 -13.11 -6.44 8.64
CA SER A 135 -12.70 -7.84 8.62
C SER A 135 -13.78 -8.72 7.98
N VAL A 136 -13.85 -8.66 6.65
CA VAL A 136 -14.81 -9.45 5.89
C VAL A 136 -14.09 -10.44 5.00
N ASP A 137 -14.41 -11.72 5.16
CA ASP A 137 -13.78 -12.73 4.32
C ASP A 137 -14.23 -12.59 2.88
N PRO A 138 -13.35 -12.90 1.95
CA PRO A 138 -13.69 -12.81 0.53
C PRO A 138 -14.87 -13.75 0.27
N ILE A 139 -15.74 -13.37 -0.67
CA ILE A 139 -16.88 -14.19 -1.04
C ILE A 139 -16.44 -15.61 -1.37
N VAL A 140 -15.52 -15.73 -2.33
CA VAL A 140 -15.00 -17.02 -2.78
C VAL A 140 -14.46 -17.86 -1.63
N VAL A 141 -13.85 -17.21 -0.65
CA VAL A 141 -13.34 -17.96 0.49
C VAL A 141 -14.49 -18.54 1.31
N GLU A 142 -15.45 -17.69 1.66
CA GLU A 142 -16.60 -18.15 2.41
C GLU A 142 -17.33 -19.27 1.68
N LEU A 143 -17.57 -19.08 0.38
CA LEU A 143 -18.24 -20.10 -0.40
C LEU A 143 -17.57 -21.46 -0.28
N LYS A 144 -16.23 -21.45 -0.16
CA LYS A 144 -15.46 -22.68 -0.07
C LYS A 144 -15.62 -23.33 1.29
N ASN A 145 -15.40 -22.56 2.36
CA ASN A 145 -15.55 -23.12 3.68
C ASN A 145 -16.92 -23.75 3.78
N GLN A 146 -17.93 -23.01 3.34
CA GLN A 146 -19.30 -23.51 3.40
C GLN A 146 -19.56 -24.69 2.47
N ASN A 147 -18.48 -25.24 1.92
CA ASN A 147 -18.60 -26.43 1.09
C ASN A 147 -19.51 -26.15 -0.11
N LYS A 148 -19.49 -24.92 -0.62
CA LYS A 148 -20.36 -24.55 -1.74
C LYS A 148 -19.63 -24.52 -3.08
N ILE A 149 -18.31 -24.58 -3.06
CA ILE A 149 -17.56 -24.62 -4.30
C ILE A 149 -16.33 -25.52 -4.14
N GLU A 150 -15.95 -26.18 -5.25
CA GLU A 150 -14.81 -27.12 -5.26
C GLU A 150 -13.52 -26.57 -4.65
N ASN A 151 -13.06 -25.42 -5.14
CA ASN A 151 -11.81 -24.83 -4.68
C ASN A 151 -12.02 -23.38 -4.33
N ALA A 152 -11.11 -22.81 -3.54
CA ALA A 152 -11.20 -21.39 -3.19
C ALA A 152 -10.41 -20.60 -4.22
N LEU A 153 -10.87 -20.62 -5.47
CA LEU A 153 -10.21 -19.87 -6.51
C LEU A 153 -11.27 -19.37 -7.48
N PHE A 154 -10.92 -18.37 -8.28
CA PHE A 154 -11.85 -17.83 -9.27
C PHE A 154 -11.07 -17.36 -10.49
N THR A 155 -11.70 -17.43 -11.65
CA THR A 155 -11.01 -17.06 -12.86
C THR A 155 -11.72 -15.98 -13.63
N PHE A 156 -10.94 -15.26 -14.42
CA PHE A 156 -11.48 -14.20 -15.27
C PHE A 156 -11.12 -14.50 -16.72
N TYR A 157 -12.14 -14.44 -17.57
CA TYR A 157 -11.97 -14.58 -19.00
C TYR A 157 -12.73 -13.38 -19.50
N LEU A 158 -12.02 -12.25 -19.63
CA LEU A 158 -12.65 -10.98 -19.98
C LEU A 158 -13.31 -10.93 -21.35
N PRO A 159 -14.39 -10.15 -21.44
CA PRO A 159 -15.10 -10.02 -22.71
C PRO A 159 -14.31 -9.07 -23.60
N VAL A 160 -14.59 -9.12 -24.89
CA VAL A 160 -13.97 -8.21 -25.83
C VAL A 160 -15.11 -7.50 -26.54
N HIS A 161 -15.09 -6.17 -26.53
CA HIS A 161 -16.17 -5.38 -27.13
C HIS A 161 -16.62 -5.88 -28.50
N ASP A 162 -17.93 -6.07 -28.62
CA ASP A 162 -18.52 -6.50 -29.88
C ASP A 162 -17.86 -7.72 -30.48
N LYS A 163 -17.42 -8.67 -29.64
CA LYS A 163 -16.86 -9.91 -30.15
C LYS A 163 -17.40 -11.13 -29.41
N HIS A 164 -16.95 -11.33 -28.16
CA HIS A 164 -17.46 -12.43 -27.35
C HIS A 164 -17.62 -11.94 -25.91
N THR A 165 -18.59 -12.50 -25.19
CA THR A 165 -18.78 -12.09 -23.81
C THR A 165 -17.70 -12.73 -22.94
N GLY A 166 -17.74 -12.44 -21.64
CA GLY A 166 -16.77 -13.00 -20.71
C GLY A 166 -17.39 -13.79 -19.58
N PHE A 167 -16.53 -14.26 -18.66
CA PHE A 167 -16.98 -15.05 -17.53
C PHE A 167 -16.16 -14.87 -16.26
N LEU A 168 -16.87 -14.76 -15.14
CA LEU A 168 -16.24 -14.83 -13.82
C LEU A 168 -16.63 -16.22 -13.37
N THR A 169 -15.63 -17.08 -13.13
CA THR A 169 -15.91 -18.46 -12.75
C THR A 169 -15.40 -18.74 -11.35
N ILE A 170 -16.33 -19.08 -10.44
CA ILE A 170 -15.97 -19.33 -9.07
C ILE A 170 -15.87 -20.81 -8.75
N GLY A 171 -14.77 -21.18 -8.08
CA GLY A 171 -14.56 -22.55 -7.67
C GLY A 171 -13.93 -23.57 -8.61
N GLY A 172 -13.55 -23.18 -9.82
CA GLY A 172 -12.97 -24.13 -10.72
C GLY A 172 -12.32 -23.58 -11.96
N ILE A 173 -11.25 -24.23 -12.41
CA ILE A 173 -10.52 -23.80 -13.59
C ILE A 173 -11.06 -24.57 -14.79
N GLU A 174 -11.72 -23.87 -15.71
CA GLU A 174 -12.27 -24.54 -16.90
C GLU A 174 -11.34 -24.30 -18.08
N GLU A 175 -10.78 -25.39 -18.62
CA GLU A 175 -9.84 -25.33 -19.72
C GLU A 175 -10.40 -24.72 -21.01
N ARG A 176 -11.73 -24.68 -21.11
CA ARG A 176 -12.39 -24.07 -22.25
C ARG A 176 -11.90 -22.65 -22.48
N PHE A 177 -11.39 -22.01 -21.42
CA PHE A 177 -11.00 -20.61 -21.51
C PHE A 177 -9.64 -20.27 -22.06
N TYR A 178 -8.71 -21.22 -22.05
CA TYR A 178 -7.38 -20.90 -22.51
C TYR A 178 -6.75 -21.97 -23.37
N GLU A 179 -5.46 -21.79 -23.63
CA GLU A 179 -4.67 -22.74 -24.38
C GLU A 179 -3.23 -22.63 -23.88
N GLY A 180 -2.46 -23.69 -24.09
CA GLY A 180 -1.10 -23.68 -23.62
C GLY A 180 -1.03 -23.92 -22.14
N PRO A 181 0.17 -23.88 -21.55
CA PRO A 181 0.35 -24.11 -20.12
C PRO A 181 -0.11 -22.95 -19.23
N LEU A 182 -0.53 -23.30 -18.02
CA LEU A 182 -0.97 -22.31 -17.05
C LEU A 182 0.19 -22.17 -16.08
N THR A 183 0.79 -20.98 -16.03
CA THR A 183 1.98 -20.77 -15.21
C THR A 183 1.66 -19.99 -13.94
N TYR A 184 1.79 -20.62 -12.77
CA TYR A 184 1.46 -19.95 -11.51
C TYR A 184 2.56 -19.06 -10.94
N GLU A 185 2.18 -17.93 -10.35
CA GLU A 185 3.13 -16.98 -9.76
C GLU A 185 2.75 -16.76 -8.31
N LYS A 186 3.72 -16.86 -7.40
CA LYS A 186 3.44 -16.66 -5.98
C LYS A 186 3.19 -15.20 -5.63
N LEU A 187 2.27 -14.98 -4.69
CA LEU A 187 2.01 -13.64 -4.18
C LEU A 187 3.10 -13.29 -3.16
N ASN A 188 3.40 -12.01 -2.99
CA ASN A 188 4.36 -11.60 -1.98
C ASN A 188 3.66 -11.04 -0.75
N HIS A 189 2.33 -11.11 -0.73
CA HIS A 189 1.53 -10.62 0.39
C HIS A 189 0.11 -11.08 0.17
N ASP A 190 -0.61 -11.35 1.25
CA ASP A 190 -2.01 -11.70 1.13
C ASP A 190 -2.83 -10.44 1.41
N LEU A 191 -2.60 -9.44 0.57
CA LEU A 191 -3.31 -8.16 0.64
C LEU A 191 -3.89 -7.93 -0.75
N TYR A 192 -3.01 -7.72 -1.73
CA TYR A 192 -3.42 -7.54 -3.11
C TYR A 192 -3.02 -8.77 -3.91
N TRP A 193 -3.63 -8.92 -5.09
CA TRP A 193 -3.25 -10.00 -5.98
C TRP A 193 -1.98 -9.53 -6.68
N GLN A 194 -0.93 -9.39 -5.87
CA GLN A 194 0.36 -8.82 -6.27
C GLN A 194 1.49 -9.84 -6.28
N ILE A 195 2.19 -9.91 -7.42
CA ILE A 195 3.26 -10.85 -7.61
C ILE A 195 4.51 -10.09 -8.09
N THR A 196 5.65 -10.77 -8.16
CA THR A 196 6.90 -10.13 -8.58
C THR A 196 7.36 -10.60 -9.96
N LEU A 197 7.60 -9.66 -10.86
CA LEU A 197 8.08 -10.00 -12.19
C LEU A 197 9.12 -8.97 -12.62
N ASP A 198 9.88 -9.29 -13.68
CA ASP A 198 10.81 -8.31 -14.23
C ASP A 198 10.06 -7.63 -15.36
N ALA A 199 10.16 -6.30 -15.41
CA ALA A 199 9.48 -5.51 -16.44
C ALA A 199 10.47 -4.97 -17.46
N HIS A 200 10.41 -5.48 -18.68
CA HIS A 200 11.35 -5.07 -19.70
C HIS A 200 10.59 -4.50 -20.89
N VAL A 201 10.23 -3.21 -20.84
CA VAL A 201 9.52 -2.58 -21.95
C VAL A 201 10.55 -1.87 -22.83
N GLY A 202 10.81 -2.46 -24.01
CA GLY A 202 11.77 -1.88 -24.91
C GLY A 202 13.17 -1.99 -24.33
N ASN A 203 13.80 -0.86 -24.11
CA ASN A 203 15.15 -0.88 -23.55
C ASN A 203 15.15 -0.53 -22.07
N ILE A 204 13.97 -0.21 -21.53
CA ILE A 204 13.84 0.11 -20.11
C ILE A 204 13.58 -1.18 -19.31
N MET A 205 14.26 -1.34 -18.17
CA MET A 205 14.12 -2.55 -17.37
C MET A 205 13.94 -2.28 -15.89
N LEU A 206 12.91 -2.90 -15.30
CA LEU A 206 12.69 -2.84 -13.86
C LEU A 206 12.74 -4.27 -13.29
N GLU A 207 13.88 -4.62 -12.69
CA GLU A 207 14.09 -5.95 -12.11
C GLU A 207 13.26 -6.10 -10.82
N LYS A 208 12.61 -7.26 -10.67
CA LYS A 208 11.80 -7.53 -9.48
C LYS A 208 10.68 -6.52 -9.25
N ALA A 209 10.06 -6.05 -10.33
CA ALA A 209 8.97 -5.10 -10.23
C ALA A 209 7.76 -5.67 -9.48
N ASN A 210 7.05 -4.79 -8.78
CA ASN A 210 5.87 -5.15 -8.01
C ASN A 210 4.70 -5.13 -9.02
N CYS A 211 4.02 -6.27 -9.21
CA CYS A 211 2.93 -6.32 -10.19
C CYS A 211 1.58 -6.72 -9.63
N ILE A 212 0.56 -5.92 -9.91
CA ILE A 212 -0.78 -6.18 -9.41
C ILE A 212 -1.72 -6.53 -10.55
N VAL A 213 -2.18 -7.79 -10.59
CA VAL A 213 -3.18 -8.19 -11.58
C VAL A 213 -4.47 -7.61 -11.04
N ASP A 214 -5.10 -6.72 -11.80
CA ASP A 214 -6.26 -5.99 -11.29
C ASP A 214 -7.42 -5.77 -12.29
N SER A 215 -8.53 -6.46 -12.08
CA SER A 215 -9.69 -6.31 -12.96
C SER A 215 -10.39 -4.96 -12.80
N GLY A 216 -10.01 -4.21 -11.76
CA GLY A 216 -10.64 -2.93 -11.50
C GLY A 216 -9.98 -1.74 -12.15
N THR A 217 -8.96 -2.02 -12.96
CA THR A 217 -8.24 -0.96 -13.65
C THR A 217 -8.41 -1.13 -15.15
N SER A 218 -8.87 -0.08 -15.83
CA SER A 218 -9.08 -0.16 -17.26
C SER A 218 -7.79 -0.07 -18.07
N ALA A 219 -6.74 0.52 -17.50
CA ALA A 219 -5.49 0.69 -18.23
C ALA A 219 -4.34 -0.12 -17.67
N ILE A 220 -3.17 0.02 -18.29
CA ILE A 220 -1.95 -0.57 -17.75
C ILE A 220 -1.26 0.61 -17.04
N THR A 221 -1.05 0.44 -15.73
CA THR A 221 -0.39 1.42 -14.88
C THR A 221 1.11 1.21 -14.92
N VAL A 222 1.86 2.31 -14.88
CA VAL A 222 3.33 2.26 -14.90
C VAL A 222 3.89 3.41 -14.07
N PRO A 223 5.08 3.22 -13.48
CA PRO A 223 5.65 4.32 -12.69
C PRO A 223 5.99 5.47 -13.65
N THR A 224 5.50 6.67 -13.34
CA THR A 224 5.68 7.81 -14.24
C THR A 224 7.07 7.91 -14.83
N ASP A 225 8.12 7.76 -14.00
CA ASP A 225 9.48 7.84 -14.50
C ASP A 225 9.66 6.87 -15.65
N PHE A 226 9.22 5.63 -15.41
CA PHE A 226 9.32 4.56 -16.38
C PHE A 226 8.53 4.82 -17.67
N LEU A 227 7.36 5.46 -17.55
CA LEU A 227 6.56 5.75 -18.72
C LEU A 227 7.31 6.75 -19.58
N ASN A 228 7.77 7.84 -18.95
CA ASN A 228 8.52 8.87 -19.67
C ASN A 228 9.70 8.32 -20.48
N LYS A 229 10.57 7.52 -19.85
CA LYS A 229 11.71 6.94 -20.56
C LYS A 229 11.27 6.05 -21.71
N MET A 230 10.50 5.03 -21.31
CA MET A 230 9.89 4.04 -22.19
C MET A 230 9.47 4.59 -23.56
N LEU A 231 8.90 5.80 -23.56
CA LEU A 231 8.38 6.40 -24.78
C LEU A 231 9.28 7.47 -25.39
N GLN A 232 10.55 7.50 -24.99
CA GLN A 232 11.41 8.60 -25.39
C GLN A 232 11.80 8.84 -26.84
N ASN A 233 11.54 7.89 -27.75
CA ASN A 233 11.85 8.15 -29.17
C ASN A 233 10.98 7.34 -30.10
N LEU A 234 9.76 7.05 -29.65
CA LEU A 234 8.85 6.19 -30.39
C LEU A 234 7.76 6.99 -31.10
N ASP A 235 8.05 8.27 -31.38
CA ASP A 235 7.10 9.15 -32.05
C ASP A 235 5.73 9.01 -31.35
N VAL A 236 5.68 9.45 -30.09
CA VAL A 236 4.45 9.39 -29.29
C VAL A 236 4.32 10.70 -28.52
N ILE A 237 3.29 11.48 -28.82
CA ILE A 237 3.12 12.76 -28.15
C ILE A 237 2.34 12.56 -26.88
N LYS A 238 2.57 13.43 -25.90
CA LYS A 238 1.79 13.45 -24.66
C LYS A 238 1.02 14.77 -24.71
N VAL A 239 -0.30 14.71 -24.54
CA VAL A 239 -1.09 15.93 -24.63
C VAL A 239 -0.62 16.99 -23.63
N PRO A 240 -0.15 18.11 -24.16
CA PRO A 240 0.36 19.30 -23.46
C PRO A 240 0.06 19.36 -21.96
N PHE A 241 -1.22 19.21 -21.61
CA PHE A 241 -1.60 19.19 -20.19
C PHE A 241 -2.42 17.94 -19.91
N LEU A 242 -3.21 17.56 -20.90
CA LEU A 242 -4.08 16.39 -20.80
C LEU A 242 -3.26 15.09 -20.63
N PRO A 243 -3.59 14.30 -19.60
CA PRO A 243 -2.91 13.03 -19.32
C PRO A 243 -3.27 11.90 -20.29
N PHE A 244 -2.92 12.06 -21.57
CA PHE A 244 -3.13 11.00 -22.54
C PHE A 244 -1.91 10.92 -23.45
N TYR A 245 -1.85 9.84 -24.21
CA TYR A 245 -0.76 9.67 -25.16
C TYR A 245 -1.41 9.25 -26.47
N VAL A 246 -1.38 10.17 -27.43
CA VAL A 246 -1.89 9.90 -28.77
C VAL A 246 -0.71 9.56 -29.69
N THR A 247 -0.96 8.68 -30.66
CA THR A 247 0.06 8.24 -31.59
C THR A 247 -0.63 7.65 -32.79
N LEU A 248 0.14 7.31 -33.81
CA LEU A 248 -0.46 6.67 -34.98
C LEU A 248 -0.62 5.20 -34.66
N CYS A 249 -1.78 4.64 -34.99
CA CYS A 249 -2.03 3.23 -34.73
C CYS A 249 -0.98 2.38 -35.40
N ASN A 250 -0.53 2.83 -36.58
CA ASN A 250 0.44 2.11 -37.37
C ASN A 250 1.87 2.35 -36.92
N ASN A 251 2.06 3.27 -35.97
CA ASN A 251 3.40 3.60 -35.49
C ASN A 251 4.22 2.34 -35.22
N SER A 252 5.23 2.09 -36.04
CA SER A 252 6.07 0.89 -35.92
C SER A 252 6.97 0.88 -34.69
N LYS A 253 7.03 1.98 -33.94
CA LYS A 253 7.89 2.06 -32.77
C LYS A 253 7.17 1.72 -31.46
N LEU A 254 5.86 1.49 -31.53
CA LEU A 254 5.11 1.09 -30.36
C LEU A 254 5.79 -0.13 -29.76
N PRO A 255 6.12 -0.07 -28.47
CA PRO A 255 6.78 -1.14 -27.72
C PRO A 255 5.89 -2.30 -27.29
N THR A 256 6.49 -3.39 -26.80
CA THR A 256 5.74 -4.52 -26.29
C THR A 256 6.18 -4.85 -24.87
N PHE A 257 5.26 -4.74 -23.91
CA PHE A 257 5.60 -5.03 -22.52
C PHE A 257 6.09 -6.47 -22.40
N GLU A 258 7.13 -6.69 -21.61
CA GLU A 258 7.59 -8.03 -21.38
C GLU A 258 7.92 -8.23 -19.89
N PHE A 259 7.07 -8.98 -19.19
CA PHE A 259 7.31 -9.28 -17.80
C PHE A 259 7.75 -10.74 -17.69
N THR A 260 8.78 -11.00 -16.91
CA THR A 260 9.29 -12.36 -16.80
C THR A 260 9.53 -12.82 -15.37
N SER A 261 9.33 -14.12 -15.17
CA SER A 261 9.58 -14.77 -13.90
C SER A 261 10.39 -16.03 -14.23
N GLU A 262 10.66 -16.84 -13.22
CA GLU A 262 11.35 -18.11 -13.41
C GLU A 262 10.43 -19.04 -14.20
N ASN A 263 9.12 -18.89 -13.96
CA ASN A 263 8.15 -19.81 -14.53
C ASN A 263 7.45 -19.35 -15.79
N GLY A 264 7.53 -18.07 -16.12
CA GLY A 264 6.86 -17.65 -17.34
C GLY A 264 7.29 -16.33 -17.95
N LYS A 265 6.84 -16.09 -19.18
CA LYS A 265 7.15 -14.86 -19.86
C LYS A 265 5.81 -14.41 -20.43
N TYR A 266 5.39 -13.21 -20.04
CA TYR A 266 4.11 -12.68 -20.47
C TYR A 266 4.36 -11.40 -21.26
N THR A 267 3.78 -11.31 -22.46
CA THR A 267 4.01 -10.14 -23.29
C THR A 267 2.69 -9.46 -23.59
N LEU A 268 2.73 -8.14 -23.77
CA LEU A 268 1.52 -7.39 -24.12
C LEU A 268 1.80 -6.48 -25.32
N GLU A 269 1.52 -6.99 -26.51
CA GLU A 269 1.74 -6.27 -27.75
C GLU A 269 0.82 -5.08 -27.89
N PRO A 270 1.19 -4.10 -28.75
CA PRO A 270 0.38 -2.90 -28.95
C PRO A 270 -1.12 -3.15 -29.18
N GLU A 271 -1.43 -4.15 -30.01
CA GLU A 271 -2.81 -4.49 -30.34
C GLU A 271 -3.68 -4.63 -29.09
N TYR A 272 -3.06 -4.66 -27.91
CA TYR A 272 -3.79 -4.86 -26.66
C TYR A 272 -3.97 -3.60 -25.83
N TYR A 273 -3.25 -2.53 -26.17
CA TYR A 273 -3.40 -1.30 -25.41
C TYR A 273 -3.62 -0.08 -26.28
N LEU A 274 -3.97 -0.29 -27.55
CA LEU A 274 -4.23 0.81 -28.47
C LEU A 274 -5.72 1.04 -28.58
N GLN A 275 -6.11 2.31 -28.53
CA GLN A 275 -7.52 2.68 -28.62
C GLN A 275 -7.71 3.58 -29.83
N HIS A 276 -8.24 3.03 -30.91
CA HIS A 276 -8.51 3.84 -32.10
C HIS A 276 -9.39 5.02 -31.66
N ILE A 277 -9.14 6.19 -32.24
CA ILE A 277 -9.94 7.38 -31.97
C ILE A 277 -10.04 8.22 -33.26
N GLU A 278 -10.49 7.54 -34.34
CA GLU A 278 -10.64 8.14 -35.66
C GLU A 278 -11.19 9.55 -35.51
N ASP A 279 -12.27 9.66 -34.73
CA ASP A 279 -12.94 10.94 -34.43
C ASP A 279 -11.89 12.06 -34.32
N VAL A 280 -10.96 11.90 -33.38
CA VAL A 280 -9.91 12.88 -33.17
C VAL A 280 -9.05 13.04 -34.44
N GLY A 281 -8.71 11.91 -35.08
CA GLY A 281 -7.91 11.97 -36.28
C GLY A 281 -7.77 10.65 -37.03
N PRO A 282 -8.00 10.66 -38.36
CA PRO A 282 -7.87 9.45 -39.14
C PRO A 282 -6.52 8.74 -38.94
N GLY A 283 -6.58 7.53 -38.36
CA GLY A 283 -5.37 6.76 -38.12
C GLY A 283 -4.82 6.92 -36.71
N LEU A 284 -5.47 7.79 -35.92
CA LEU A 284 -5.01 8.03 -34.57
C LEU A 284 -5.45 6.94 -33.58
N CYS A 285 -4.66 6.80 -32.52
CA CYS A 285 -4.94 5.84 -31.46
C CYS A 285 -4.42 6.43 -30.14
N MET A 286 -5.12 6.15 -29.05
CA MET A 286 -4.64 6.56 -27.74
C MET A 286 -4.11 5.31 -27.04
N LEU A 287 -2.98 5.44 -26.34
CA LEU A 287 -2.41 4.30 -25.65
C LEU A 287 -3.17 4.14 -24.33
N ASN A 288 -3.57 2.91 -24.02
CA ASN A 288 -4.25 2.65 -22.77
C ASN A 288 -3.20 2.35 -21.70
N ILE A 289 -2.32 3.32 -21.49
CA ILE A 289 -1.27 3.21 -20.49
C ILE A 289 -1.29 4.51 -19.71
N ILE A 290 -1.09 4.42 -18.40
CA ILE A 290 -1.07 5.64 -17.60
C ILE A 290 -0.10 5.57 -16.44
N GLY A 291 0.39 6.75 -16.05
CA GLY A 291 1.32 6.84 -14.95
C GLY A 291 0.62 6.80 -13.61
N LEU A 292 1.25 6.12 -12.64
CA LEU A 292 0.70 6.02 -11.30
C LEU A 292 1.87 5.51 -10.47
N ASP A 293 2.30 6.34 -9.52
CA ASP A 293 3.45 5.99 -8.71
C ASP A 293 3.14 5.45 -7.34
N PHE A 294 3.84 4.39 -6.96
CA PHE A 294 3.73 3.80 -5.65
C PHE A 294 5.09 4.05 -5.01
N PRO A 295 5.18 3.91 -3.68
CA PRO A 295 6.46 4.15 -3.01
C PRO A 295 7.58 3.21 -3.46
N VAL A 296 7.19 2.06 -4.02
CA VAL A 296 8.13 1.09 -4.58
C VAL A 296 7.65 0.86 -6.01
N PRO A 297 8.56 0.86 -6.97
CA PRO A 297 8.11 0.66 -8.35
C PRO A 297 7.04 -0.43 -8.45
N THR A 298 5.94 -0.08 -9.10
CA THR A 298 4.81 -0.99 -9.26
C THR A 298 4.05 -0.74 -10.55
N PHE A 299 3.56 -1.82 -11.14
CA PHE A 299 2.76 -1.76 -12.36
C PHE A 299 1.41 -2.34 -11.98
N ILE A 300 0.34 -1.87 -12.62
CA ILE A 300 -0.97 -2.46 -12.40
C ILE A 300 -1.33 -3.13 -13.72
N LEU A 301 -1.23 -4.46 -13.75
CA LEU A 301 -1.57 -5.20 -14.96
C LEU A 301 -3.09 -5.19 -15.08
N GLY A 302 -3.61 -4.12 -15.67
CA GLY A 302 -5.04 -3.94 -15.84
C GLY A 302 -5.75 -4.77 -16.87
N ASP A 303 -6.97 -4.33 -17.21
CA ASP A 303 -7.80 -5.04 -18.18
C ASP A 303 -7.08 -5.38 -19.47
N PRO A 304 -6.33 -4.43 -20.06
CA PRO A 304 -5.63 -4.73 -21.30
C PRO A 304 -4.80 -6.03 -21.22
N PHE A 305 -4.26 -6.32 -20.03
CA PHE A 305 -3.46 -7.52 -19.82
C PHE A 305 -4.34 -8.76 -19.64
N MET A 306 -5.36 -8.64 -18.78
CA MET A 306 -6.26 -9.73 -18.48
C MET A 306 -7.14 -10.05 -19.66
N ARG A 307 -7.08 -9.19 -20.68
CA ARG A 307 -7.89 -9.38 -21.86
C ARG A 307 -7.15 -10.29 -22.84
N LYS A 308 -5.83 -10.41 -22.66
CA LYS A 308 -5.05 -11.32 -23.47
C LYS A 308 -4.78 -12.58 -22.68
N TYR A 309 -4.71 -12.44 -21.36
CA TYR A 309 -4.35 -13.55 -20.52
C TYR A 309 -5.42 -14.00 -19.53
N PHE A 310 -5.82 -15.26 -19.67
CA PHE A 310 -6.78 -15.86 -18.77
C PHE A 310 -6.04 -15.85 -17.44
N THR A 311 -6.74 -15.57 -16.36
CA THR A 311 -6.10 -15.51 -15.05
C THR A 311 -6.83 -16.30 -13.97
N VAL A 312 -6.05 -16.93 -13.09
CA VAL A 312 -6.60 -17.71 -11.98
C VAL A 312 -6.18 -17.05 -10.66
N PHE A 313 -7.17 -16.72 -9.82
CA PHE A 313 -6.89 -16.11 -8.53
C PHE A 313 -7.16 -17.16 -7.47
N ASP A 314 -6.08 -17.83 -7.03
CA ASP A 314 -6.15 -18.98 -6.15
C ASP A 314 -5.75 -18.68 -4.69
N TYR A 315 -6.75 -18.53 -3.82
CA TYR A 315 -6.48 -18.29 -2.40
C TYR A 315 -5.75 -19.44 -1.70
N ASP A 316 -6.20 -20.66 -1.97
CA ASP A 316 -5.63 -21.84 -1.33
C ASP A 316 -4.14 -21.95 -1.59
N ASN A 317 -3.69 -21.41 -2.71
CA ASN A 317 -2.30 -21.50 -3.09
C ASN A 317 -1.60 -20.16 -3.11
N HIS A 318 -2.32 -19.14 -2.64
CA HIS A 318 -1.77 -17.79 -2.50
C HIS A 318 -0.93 -17.44 -3.72
N SER A 319 -1.50 -17.70 -4.89
CA SER A 319 -0.81 -17.41 -6.13
C SER A 319 -1.78 -17.03 -7.25
N VAL A 320 -1.23 -16.51 -8.33
CA VAL A 320 -2.03 -16.09 -9.47
C VAL A 320 -1.55 -16.92 -10.66
N GLY A 321 -2.50 -17.51 -11.38
CA GLY A 321 -2.13 -18.30 -12.53
C GLY A 321 -2.36 -17.50 -13.78
N ILE A 322 -1.49 -17.68 -14.77
CA ILE A 322 -1.64 -16.95 -16.01
C ILE A 322 -1.55 -17.89 -17.20
N ALA A 323 -2.54 -17.76 -18.10
CA ALA A 323 -2.59 -18.55 -19.31
C ALA A 323 -3.12 -17.69 -20.45
N LEU A 324 -2.61 -17.95 -21.64
CA LEU A 324 -3.02 -17.26 -22.85
C LEU A 324 -4.50 -17.59 -23.08
N ALA A 325 -5.33 -16.58 -23.26
CA ALA A 325 -6.77 -16.80 -23.39
C ALA A 325 -7.23 -17.20 -24.78
N LYS A 326 -8.17 -18.15 -24.86
CA LYS A 326 -8.73 -18.52 -26.15
C LYS A 326 -9.38 -17.27 -26.72
N LYS A 327 -9.01 -16.95 -27.97
CA LYS A 327 -9.52 -15.76 -28.62
C LYS A 327 -11.04 -15.80 -28.79
N ASN A 328 -11.60 -17.01 -28.66
CA ASN A 328 -13.03 -17.21 -28.79
C ASN A 328 -13.46 -18.55 -28.27
N LEU A 329 -14.66 -18.58 -27.68
CA LEU A 329 -15.20 -19.83 -27.17
C LEU A 329 -16.04 -20.47 -28.27
N LYS B 1 -8.10 11.46 -13.13
CA LYS B 1 -7.54 10.31 -12.33
C LYS B 1 -7.59 9.04 -13.20
N PRO B 2 -6.61 8.16 -13.03
CA PRO B 2 -6.65 6.95 -13.85
C PRO B 2 -7.71 5.97 -13.37
N PHE B 3 -8.65 5.60 -14.26
CA PHE B 3 -9.73 4.68 -13.85
C PHE B 3 -9.22 3.37 -13.20
N SER B 4 -9.20 3.36 -11.87
CA SER B 4 -8.73 2.21 -11.13
C SER B 4 -9.46 2.14 -9.79
N LEU B 6 -8.65 0.34 -7.36
CA LEU B 6 -7.83 -0.23 -6.28
C LEU B 6 -8.03 0.57 -5.00
N GLN B 7 -8.17 -0.08 -3.84
CA GLN B 7 -8.30 0.69 -2.62
C GLN B 7 -7.08 0.80 -1.71
N PHE B 8 -6.92 1.97 -1.10
CA PHE B 8 -5.87 2.22 -0.10
C PHE B 8 -6.54 2.90 1.10
N SER C 1 9.03 2.71 34.18
CA SER C 1 9.57 1.85 35.30
C SER C 1 9.00 0.44 35.28
N SER C 2 7.66 0.32 35.28
CA SER C 2 7.01 -0.99 35.20
C SER C 2 6.85 -1.34 33.73
N ASN C 3 7.52 -0.57 32.86
CA ASN C 3 7.49 -0.79 31.41
C ASN C 3 8.90 -1.02 30.90
N ASP C 4 9.02 -1.51 29.67
CA ASP C 4 10.30 -1.77 29.04
C ASP C 4 10.76 -0.50 28.30
N ASN C 5 11.91 0.03 28.69
CA ASN C 5 12.42 1.25 28.07
C ASN C 5 13.71 0.98 27.33
N ILE C 6 13.76 1.33 26.03
CA ILE C 6 14.99 1.21 25.26
C ILE C 6 15.47 2.64 25.01
N GLU C 7 16.74 2.90 25.32
CA GLU C 7 17.30 4.24 25.11
C GLU C 7 17.57 4.53 23.65
N LEU C 8 17.28 5.77 23.23
CA LEU C 8 17.51 6.21 21.86
C LEU C 8 18.54 7.31 21.81
N VAL C 9 19.50 7.18 20.90
CA VAL C 9 20.55 8.19 20.75
C VAL C 9 20.49 8.71 19.32
N ASP C 10 20.71 10.01 19.13
CA ASP C 10 20.69 10.60 17.79
C ASP C 10 22.00 11.28 17.49
N PHE C 11 22.78 10.69 16.58
CA PHE C 11 24.07 11.26 16.20
C PHE C 11 23.89 12.24 15.06
N GLN C 12 24.36 11.92 13.85
CA GLN C 12 24.06 12.82 12.72
C GLN C 12 22.53 12.82 12.70
N ASN C 13 21.91 13.79 12.01
CA ASN C 13 20.44 13.87 12.03
C ASN C 13 19.72 13.12 10.87
N ILE C 14 20.36 12.03 10.39
CA ILE C 14 19.79 11.24 9.30
C ILE C 14 18.85 10.12 9.78
N MET C 15 19.21 9.47 10.89
CA MET C 15 18.37 8.41 11.46
C MET C 15 18.94 7.92 12.78
N PHE C 16 18.12 7.97 13.84
CA PHE C 16 18.54 7.53 15.17
C PHE C 16 18.36 6.02 15.36
N TYR C 17 19.04 5.45 16.35
CA TYR C 17 18.97 4.01 16.54
C TYR C 17 18.69 3.55 17.97
N GLY C 18 18.54 2.24 18.11
CA GLY C 18 18.29 1.63 19.40
C GLY C 18 19.05 0.32 19.40
N ASP C 19 19.29 -0.25 20.59
CA ASP C 19 19.99 -1.53 20.68
C ASP C 19 19.08 -2.64 21.11
N ALA C 20 19.43 -3.84 20.70
CA ALA C 20 18.69 -5.04 21.09
C ALA C 20 19.61 -6.20 20.77
N GLU C 21 19.32 -7.38 21.32
CA GLU C 21 20.14 -8.54 21.03
C GLU C 21 19.35 -9.74 20.56
N VAL C 22 20.02 -10.57 19.77
CA VAL C 22 19.45 -11.77 19.19
C VAL C 22 20.34 -12.91 19.62
N GLY C 23 19.72 -14.00 20.07
CA GLY C 23 20.50 -15.15 20.49
C GLY C 23 20.60 -15.33 21.98
N ASP C 24 20.62 -16.57 22.43
CA ASP C 24 20.69 -16.86 23.87
C ASP C 24 21.97 -16.29 24.51
N ASN C 25 22.96 -15.94 23.70
CA ASN C 25 24.18 -15.38 24.25
C ASN C 25 24.24 -13.85 24.19
N GLN C 26 23.11 -13.21 23.84
CA GLN C 26 23.01 -11.76 23.80
C GLN C 26 23.86 -11.09 22.71
N GLN C 27 23.93 -11.69 21.53
CA GLN C 27 24.67 -11.07 20.43
C GLN C 27 24.06 -9.67 20.27
N PRO C 28 24.89 -8.62 20.26
CA PRO C 28 24.42 -7.23 20.13
C PRO C 28 24.35 -6.63 18.74
N PHE C 29 23.24 -5.95 18.45
CA PHE C 29 23.06 -5.25 17.17
C PHE C 29 22.47 -3.86 17.36
N THR C 30 22.72 -2.98 16.39
CA THR C 30 22.18 -1.63 16.40
C THR C 30 21.04 -1.60 15.43
N PHE C 31 19.86 -1.25 15.93
CA PHE C 31 18.66 -1.31 15.10
C PHE C 31 18.02 0.02 14.80
N ILE C 32 17.38 0.07 13.64
CA ILE C 32 16.51 1.17 13.30
C ILE C 32 15.16 0.61 13.77
N LEU C 33 14.52 1.33 14.67
CA LEU C 33 13.23 0.92 15.22
C LEU C 33 12.15 1.54 14.34
N ASP C 34 11.69 0.74 13.38
CA ASP C 34 10.81 1.19 12.31
C ASP C 34 9.32 0.81 12.46
N THR C 35 8.47 1.83 12.63
CA THR C 35 7.04 1.61 12.72
C THR C 35 6.43 1.43 11.33
N GLY C 36 7.26 1.60 10.30
CA GLY C 36 6.78 1.44 8.93
C GLY C 36 6.94 0.06 8.31
N SER C 37 7.55 -0.86 9.05
CA SER C 37 7.75 -2.22 8.56
C SER C 37 7.38 -3.20 9.65
N ALA C 38 7.31 -4.49 9.30
CA ALA C 38 6.89 -5.52 10.25
C ALA C 38 7.78 -6.76 10.30
N ASN C 39 9.09 -6.57 10.15
CA ASN C 39 10.02 -7.68 10.27
C ASN C 39 11.29 -7.21 10.97
N LEU C 40 12.00 -8.16 11.55
CA LEU C 40 13.25 -7.89 12.25
C LEU C 40 14.40 -8.69 11.64
N TRP C 41 15.37 -8.01 11.03
CA TRP C 41 16.48 -8.74 10.43
C TRP C 41 17.83 -8.26 10.90
N VAL C 42 18.82 -9.14 10.79
CA VAL C 42 20.18 -8.81 11.15
C VAL C 42 21.09 -9.38 10.08
N PRO C 43 22.25 -8.74 9.85
CA PRO C 43 23.18 -9.25 8.84
C PRO C 43 23.86 -10.51 9.37
N SER C 44 23.87 -11.54 8.54
CA SER C 44 24.40 -12.83 8.94
C SER C 44 25.91 -12.93 8.69
N VAL C 45 26.54 -13.93 9.31
CA VAL C 45 27.95 -14.21 9.06
C VAL C 45 27.96 -15.01 7.76
N LYS C 46 26.77 -15.18 7.19
CA LYS C 46 26.64 -15.86 5.90
C LYS C 46 26.56 -14.79 4.84
N CYS C 47 26.46 -13.53 5.28
CA CYS C 47 26.36 -12.43 4.33
C CYS C 47 27.64 -12.32 3.52
N THR C 48 27.45 -12.35 2.19
CA THR C 48 28.54 -12.31 1.24
C THR C 48 28.83 -10.93 0.67
N THR C 49 27.89 -10.00 0.82
CA THR C 49 28.05 -8.67 0.27
C THR C 49 28.88 -7.76 1.15
N ALA C 50 29.41 -6.69 0.54
CA ALA C 50 30.35 -5.77 1.16
C ALA C 50 29.78 -4.92 2.29
N GLY C 51 28.48 -4.61 2.20
CA GLY C 51 27.87 -3.82 3.25
C GLY C 51 28.06 -4.44 4.62
N CYS C 52 28.13 -5.77 4.65
CA CYS C 52 28.29 -6.50 5.89
C CYS C 52 29.68 -6.46 6.49
N LEU C 53 30.71 -6.17 5.68
CA LEU C 53 32.07 -6.19 6.20
C LEU C 53 32.27 -5.38 7.48
N THR C 54 31.45 -4.35 7.70
CA THR C 54 31.65 -3.49 8.88
C THR C 54 30.50 -3.51 9.87
N LYS C 55 29.61 -4.50 9.72
CA LYS C 55 28.45 -4.60 10.58
C LYS C 55 28.57 -5.72 11.64
N HIS C 56 27.71 -5.69 12.65
CA HIS C 56 27.68 -6.73 13.67
C HIS C 56 26.95 -7.94 13.10
N LEU C 57 27.64 -9.06 12.98
CA LEU C 57 27.03 -10.24 12.39
C LEU C 57 26.50 -11.26 13.38
N TYR C 58 25.34 -11.81 13.05
CA TYR C 58 24.70 -12.84 13.86
C TYR C 58 25.27 -14.20 13.46
N ASP C 59 25.67 -14.98 14.46
CA ASP C 59 26.23 -16.30 14.23
C ASP C 59 25.37 -17.30 15.00
N SER C 60 24.43 -17.93 14.29
CA SER C 60 23.51 -18.88 14.92
C SER C 60 24.20 -20.06 15.63
N SER C 61 25.45 -20.36 15.24
CA SER C 61 26.21 -21.45 15.84
C SER C 61 26.73 -21.13 17.23
N LYS C 62 26.43 -19.93 17.74
CA LYS C 62 26.93 -19.54 19.04
C LYS C 62 25.82 -19.37 20.08
N SER C 63 24.57 -19.63 19.67
CA SER C 63 23.41 -19.45 20.54
C SER C 63 22.68 -20.77 20.74
N ARG C 64 22.59 -21.25 21.99
CA ARG C 64 21.89 -22.50 22.31
C ARG C 64 20.47 -22.53 21.75
N THR C 65 19.79 -21.40 21.87
CA THR C 65 18.39 -21.29 21.51
C THR C 65 18.04 -21.25 20.01
N TYR C 66 19.04 -21.01 19.16
CA TYR C 66 18.81 -20.94 17.72
C TYR C 66 17.97 -22.12 17.23
N GLU C 67 17.14 -21.86 16.23
CA GLU C 67 16.28 -22.88 15.63
C GLU C 67 16.10 -22.58 14.14
N LYS C 68 16.67 -23.45 13.30
CA LYS C 68 16.64 -23.30 11.84
C LYS C 68 15.26 -23.23 11.19
N ASP C 69 15.10 -22.30 10.24
CA ASP C 69 13.89 -22.18 9.43
C ASP C 69 14.40 -22.34 8.01
N GLY C 70 15.11 -21.34 7.50
CA GLY C 70 15.68 -21.43 6.17
C GLY C 70 14.92 -20.92 4.96
N THR C 71 13.59 -20.77 5.06
CA THR C 71 12.83 -20.29 3.92
C THR C 71 13.31 -18.89 3.53
N LYS C 72 13.50 -18.69 2.23
CA LYS C 72 13.98 -17.42 1.68
C LYS C 72 12.96 -16.30 1.73
N VAL C 73 13.43 -15.11 2.02
CA VAL C 73 12.55 -13.97 2.15
C VAL C 73 13.29 -12.79 1.58
N GLU C 74 12.53 -11.80 1.10
CA GLU C 74 13.07 -10.55 0.56
C GLU C 74 12.32 -9.40 1.22
N MET C 75 13.03 -8.30 1.46
CA MET C 75 12.41 -7.13 2.08
C MET C 75 12.59 -5.97 1.12
N ASN C 76 11.49 -5.29 0.77
CA ASN C 76 11.58 -4.11 -0.09
C ASN C 76 11.13 -2.89 0.70
N TYR C 77 12.02 -1.91 0.80
CA TYR C 77 11.72 -0.67 1.50
C TYR C 77 11.71 0.43 0.47
N VAL C 78 11.25 1.62 0.88
CA VAL C 78 11.24 2.76 -0.03
C VAL C 78 12.67 3.07 -0.42
N SER C 79 13.59 2.89 0.53
CA SER C 79 15.01 3.19 0.35
C SER C 79 15.90 2.04 -0.12
N GLY C 80 15.40 0.82 -0.12
CA GLY C 80 16.22 -0.30 -0.56
C GLY C 80 15.61 -1.68 -0.38
N THR C 81 16.41 -2.70 -0.67
CA THR C 81 15.99 -4.08 -0.57
C THR C 81 17.11 -4.90 0.10
N VAL C 82 16.73 -5.87 0.94
CA VAL C 82 17.71 -6.80 1.50
C VAL C 82 17.07 -8.17 1.44
N SER C 83 17.91 -9.20 1.38
CA SER C 83 17.41 -10.56 1.30
C SER C 83 18.22 -11.49 2.18
N GLY C 84 17.60 -12.62 2.54
CA GLY C 84 18.27 -13.59 3.37
C GLY C 84 17.32 -14.75 3.61
N PHE C 85 17.30 -15.28 4.82
CA PHE C 85 16.40 -16.39 5.13
C PHE C 85 15.91 -16.27 6.57
N PHE C 86 14.73 -16.82 6.83
CA PHE C 86 14.18 -16.77 8.18
C PHE C 86 14.95 -17.69 9.10
N SER C 87 14.90 -17.36 10.39
CA SER C 87 15.50 -18.16 11.44
C SER C 87 14.69 -17.87 12.70
N LYS C 88 14.95 -18.63 13.76
CA LYS C 88 14.19 -18.48 14.99
C LYS C 88 15.17 -18.44 16.14
N ASP C 89 15.01 -17.48 17.04
CA ASP C 89 15.89 -17.39 18.20
C ASP C 89 15.34 -16.40 19.23
N LEU C 90 16.00 -16.36 20.39
CA LEU C 90 15.57 -15.49 21.47
C LEU C 90 15.98 -14.05 21.15
N VAL C 91 14.97 -13.19 20.96
CA VAL C 91 15.23 -11.77 20.75
C VAL C 91 15.01 -11.04 22.07
N THR C 92 15.93 -10.12 22.39
CA THR C 92 15.88 -9.40 23.64
C THR C 92 15.87 -7.90 23.38
N VAL C 93 14.75 -7.24 23.71
CA VAL C 93 14.61 -5.79 23.59
C VAL C 93 14.45 -5.24 25.00
N GLY C 94 15.41 -4.42 25.43
CA GLY C 94 15.32 -3.88 26.77
C GLY C 94 15.53 -4.96 27.82
N ASN C 95 14.57 -5.09 28.74
CA ASN C 95 14.68 -6.08 29.79
C ASN C 95 13.70 -7.24 29.63
N LEU C 96 13.24 -7.48 28.41
CA LEU C 96 12.31 -8.57 28.13
C LEU C 96 12.89 -9.40 27.00
N SER C 97 12.62 -10.70 27.02
CA SER C 97 13.12 -11.60 25.99
C SER C 97 11.95 -12.39 25.46
N LEU C 98 12.11 -13.00 24.30
CA LEU C 98 11.07 -13.88 23.81
C LEU C 98 11.54 -14.54 22.55
N PRO C 99 11.05 -15.77 22.29
CA PRO C 99 11.43 -16.51 21.07
C PRO C 99 10.75 -15.78 19.92
N TYR C 100 11.49 -15.54 18.85
CA TYR C 100 10.94 -14.79 17.74
C TYR C 100 11.50 -15.27 16.41
N LYS C 101 10.75 -15.00 15.34
CA LYS C 101 11.12 -15.42 14.01
C LYS C 101 11.68 -14.22 13.28
N PHE C 102 12.97 -14.29 12.93
CA PHE C 102 13.62 -13.17 12.29
C PHE C 102 14.29 -13.58 10.98
N ILE C 103 14.90 -12.60 10.32
CA ILE C 103 15.53 -12.80 9.03
C ILE C 103 17.04 -12.62 9.12
N GLU C 104 17.79 -13.62 8.66
CA GLU C 104 19.24 -13.50 8.58
C GLU C 104 19.55 -12.97 7.18
N VAL C 105 19.97 -11.70 7.09
CA VAL C 105 20.28 -11.09 5.80
C VAL C 105 21.68 -11.44 5.28
N ILE C 106 21.74 -12.04 4.09
CA ILE C 106 23.02 -12.39 3.48
C ILE C 106 23.31 -11.57 2.23
N ASP C 107 22.32 -10.82 1.74
CA ASP C 107 22.52 -9.98 0.57
C ASP C 107 22.09 -8.55 0.81
N THR C 108 23.04 -7.62 0.81
CA THR C 108 22.71 -6.22 1.04
C THR C 108 22.88 -5.35 -0.21
N ASN C 109 23.44 -5.91 -1.28
CA ASN C 109 23.69 -5.13 -2.51
C ASN C 109 22.55 -4.22 -2.94
N GLY C 110 21.31 -4.61 -2.67
CA GLY C 110 20.19 -3.78 -3.07
C GLY C 110 19.83 -2.69 -2.08
N PHE C 111 20.72 -2.45 -1.11
CA PHE C 111 20.48 -1.46 -0.07
C PHE C 111 21.66 -0.48 0.04
N GLU C 112 22.43 -0.37 -1.05
CA GLU C 112 23.55 0.57 -1.10
C GLU C 112 23.13 1.81 -1.89
N PRO C 113 23.89 2.92 -1.77
CA PRO C 113 25.09 3.02 -0.93
C PRO C 113 24.70 3.29 0.51
N THR C 114 23.39 3.37 0.75
CA THR C 114 22.88 3.70 2.08
C THR C 114 23.43 2.81 3.19
N TYR C 115 23.32 1.48 3.02
CA TYR C 115 23.74 0.55 4.06
C TYR C 115 25.18 0.76 4.54
N THR C 116 26.15 0.67 3.64
CA THR C 116 27.54 0.84 4.01
C THR C 116 27.75 2.24 4.64
N ALA C 117 27.08 3.25 4.08
CA ALA C 117 27.24 4.60 4.59
C ALA C 117 26.73 4.71 6.02
N SER C 118 25.47 4.31 6.24
CA SER C 118 24.85 4.41 7.55
C SER C 118 25.61 3.57 8.58
N THR C 119 25.26 3.71 9.87
CA THR C 119 25.94 2.93 10.88
C THR C 119 25.00 2.13 11.76
N PHE C 120 24.08 1.39 11.12
CA PHE C 120 23.22 0.47 11.83
C PHE C 120 23.45 -0.92 11.22
N ASP C 121 23.18 -1.95 12.01
CA ASP C 121 23.34 -3.33 11.55
C ASP C 121 22.07 -3.80 10.85
N GLY C 122 20.93 -3.67 11.53
CA GLY C 122 19.67 -4.09 10.94
C GLY C 122 18.47 -3.21 11.22
N ILE C 123 17.28 -3.76 11.05
CA ILE C 123 16.04 -3.03 11.27
C ILE C 123 15.12 -3.88 12.14
N LEU C 124 14.30 -3.22 12.95
CA LEU C 124 13.37 -3.91 13.81
C LEU C 124 12.00 -3.28 13.59
N GLY C 125 11.15 -3.97 12.82
CA GLY C 125 9.82 -3.48 12.54
C GLY C 125 8.92 -3.43 13.75
N LEU C 126 8.08 -2.40 13.80
CA LEU C 126 7.12 -2.22 14.89
C LEU C 126 5.73 -1.94 14.34
N GLY C 127 5.40 -2.61 13.23
CA GLY C 127 4.11 -2.41 12.59
C GLY C 127 3.11 -3.52 12.85
N TRP C 128 2.14 -3.69 11.96
CA TRP C 128 1.12 -4.71 12.12
C TRP C 128 1.40 -6.02 11.35
N LYS C 129 0.82 -7.11 11.86
CA LYS C 129 1.00 -8.46 11.31
C LYS C 129 0.80 -8.55 9.80
N ASP C 130 -0.35 -8.08 9.31
CA ASP C 130 -0.66 -8.11 7.89
C ASP C 130 0.49 -7.58 7.03
N LEU C 131 1.15 -6.53 7.53
CA LEU C 131 2.25 -5.90 6.83
C LEU C 131 3.48 -6.80 6.74
N SER C 132 3.67 -7.64 7.76
CA SER C 132 4.84 -8.50 7.82
C SER C 132 4.94 -9.55 6.72
N ILE C 133 6.06 -10.26 6.72
CA ILE C 133 6.31 -11.36 5.80
C ILE C 133 6.54 -12.59 6.66
N GLY C 134 5.81 -13.67 6.35
CA GLY C 134 5.93 -14.88 7.12
C GLY C 134 5.03 -14.86 8.33
N SER C 135 3.89 -14.17 8.19
CA SER C 135 2.91 -14.05 9.27
C SER C 135 3.58 -14.06 10.64
N VAL C 136 4.18 -12.93 11.00
CA VAL C 136 4.86 -12.78 12.28
C VAL C 136 4.16 -11.71 13.10
N ASP C 137 3.73 -12.09 14.30
CA ASP C 137 3.07 -11.14 15.17
C ASP C 137 4.07 -10.09 15.62
N PRO C 138 3.60 -8.86 15.83
CA PRO C 138 4.45 -7.77 16.27
C PRO C 138 5.04 -8.16 17.63
N ILE C 139 6.28 -7.75 17.89
CA ILE C 139 6.92 -8.01 19.19
C ILE C 139 6.01 -7.60 20.34
N VAL C 140 5.61 -6.32 20.35
CA VAL C 140 4.76 -5.76 21.40
C VAL C 140 3.49 -6.58 21.60
N VAL C 141 2.93 -7.11 20.52
CA VAL C 141 1.72 -7.91 20.65
C VAL C 141 2.03 -9.21 21.40
N GLU C 142 3.04 -9.93 20.93
CA GLU C 142 3.43 -11.16 21.57
C GLU C 142 3.76 -10.94 23.04
N LEU C 143 4.56 -9.92 23.33
CA LEU C 143 4.90 -9.62 24.71
C LEU C 143 3.66 -9.49 25.59
N LYS C 144 2.57 -8.98 25.01
CA LYS C 144 1.34 -8.76 25.76
C LYS C 144 0.62 -10.06 26.02
N ASN C 145 0.40 -10.85 24.96
CA ASN C 145 -0.26 -12.12 25.13
C ASN C 145 0.47 -12.92 26.19
N GLN C 146 1.80 -12.97 26.09
CA GLN C 146 2.61 -13.70 27.05
C GLN C 146 2.61 -13.08 28.43
N ASN C 147 1.72 -12.11 28.65
CA ASN C 147 1.55 -11.51 29.96
C ASN C 147 2.87 -10.88 30.42
N LYS C 148 3.64 -10.34 29.47
CA LYS C 148 4.93 -9.74 29.80
C LYS C 148 4.92 -8.22 29.87
N ILE C 149 3.83 -7.61 29.40
CA ILE C 149 3.71 -6.16 29.49
C ILE C 149 2.25 -5.79 29.76
N GLU C 150 2.06 -4.69 30.50
CA GLU C 150 0.73 -4.19 30.87
C GLU C 150 -0.26 -4.08 29.70
N ASN C 151 0.12 -3.34 28.66
CA ASN C 151 -0.76 -3.11 27.50
C ASN C 151 -0.02 -3.43 26.22
N ALA C 152 -0.78 -3.65 25.15
CA ALA C 152 -0.15 -3.90 23.86
C ALA C 152 0.00 -2.56 23.13
N LEU C 153 0.82 -1.69 23.69
CA LEU C 153 1.07 -0.40 23.06
C LEU C 153 2.51 -0.02 23.32
N PHE C 154 3.03 0.90 22.51
CA PHE C 154 4.40 1.37 22.69
C PHE C 154 4.50 2.84 22.31
N THR C 155 5.41 3.55 22.96
CA THR C 155 5.51 4.97 22.71
C THR C 155 6.89 5.38 22.28
N PHE C 156 6.95 6.50 21.55
CA PHE C 156 8.19 7.05 21.08
C PHE C 156 8.32 8.47 21.60
N TYR C 157 9.49 8.75 22.18
CA TYR C 157 9.83 10.08 22.64
C TYR C 157 11.21 10.24 22.02
N LEU C 158 11.24 10.77 20.80
CA LEU C 158 12.50 10.85 20.06
C LEU C 158 13.58 11.73 20.65
N PRO C 159 14.84 11.36 20.42
CA PRO C 159 15.95 12.13 20.93
C PRO C 159 16.14 13.35 20.03
N VAL C 160 16.84 14.35 20.54
CA VAL C 160 17.14 15.54 19.76
C VAL C 160 18.65 15.67 19.80
N HIS C 161 19.28 15.74 18.63
CA HIS C 161 20.73 15.82 18.55
C HIS C 161 21.37 16.77 19.55
N ASP C 162 22.37 16.26 20.27
CA ASP C 162 23.13 17.04 21.24
C ASP C 162 22.25 17.81 22.22
N LYS C 163 21.13 17.21 22.65
CA LYS C 163 20.29 17.84 23.64
C LYS C 163 19.84 16.84 24.70
N HIS C 164 18.92 15.94 24.34
CA HIS C 164 18.46 14.92 25.28
C HIS C 164 18.25 13.63 24.52
N THR C 165 18.44 12.49 25.18
CA THR C 165 18.26 11.21 24.50
C THR C 165 16.78 10.92 24.40
N GLY C 166 16.44 9.78 23.78
CA GLY C 166 15.05 9.40 23.63
C GLY C 166 14.72 8.05 24.26
N PHE C 167 13.46 7.63 24.08
CA PHE C 167 13.00 6.35 24.62
C PHE C 167 11.95 5.64 23.78
N LEU C 168 12.11 4.33 23.65
CA LEU C 168 11.08 3.48 23.08
C LEU C 168 10.55 2.81 24.34
N THR C 169 9.26 3.00 24.62
CA THR C 169 8.65 2.45 25.82
C THR C 169 7.57 1.44 25.48
N ILE C 170 7.80 0.19 25.88
CA ILE C 170 6.86 -0.88 25.57
C ILE C 170 5.94 -1.20 26.75
N GLY C 171 4.64 -1.28 26.45
CA GLY C 171 3.65 -1.64 27.45
C GLY C 171 3.04 -0.59 28.35
N GLY C 172 3.43 0.67 28.20
CA GLY C 172 2.85 1.68 29.06
C GLY C 172 3.08 3.12 28.66
N ILE C 173 2.09 3.97 28.94
CA ILE C 173 2.18 5.38 28.60
C ILE C 173 2.72 6.13 29.82
N GLU C 174 3.93 6.66 29.74
CA GLU C 174 4.50 7.40 30.86
C GLU C 174 4.34 8.90 30.64
N GLU C 175 3.59 9.56 31.53
CA GLU C 175 3.32 11.00 31.42
C GLU C 175 4.54 11.89 31.47
N ARG C 176 5.64 11.35 31.98
CA ARG C 176 6.90 12.07 32.03
C ARG C 176 7.27 12.60 30.65
N PHE C 177 6.78 11.96 29.59
CA PHE C 177 7.17 12.32 28.24
C PHE C 177 6.48 13.49 27.56
N TYR C 178 5.29 13.84 28.02
CA TYR C 178 4.58 14.89 27.34
C TYR C 178 3.90 15.86 28.29
N GLU C 179 3.07 16.72 27.71
CA GLU C 179 2.29 17.71 28.43
C GLU C 179 1.02 17.95 27.62
N GLY C 180 -0.02 18.43 28.31
CA GLY C 180 -1.26 18.67 27.61
C GLY C 180 -2.02 17.37 27.38
N PRO C 181 -3.17 17.44 26.71
CA PRO C 181 -3.97 16.25 26.44
C PRO C 181 -3.40 15.34 25.36
N LEU C 182 -3.70 14.06 25.48
CA LEU C 182 -3.26 13.06 24.51
C LEU C 182 -4.48 12.78 23.66
N THR C 183 -4.40 13.11 22.37
CA THR C 183 -5.54 12.96 21.48
C THR C 183 -5.42 11.73 20.56
N TYR C 184 -6.28 10.74 20.75
CA TYR C 184 -6.21 9.52 19.93
C TYR C 184 -6.87 9.64 18.55
N GLU C 185 -6.25 9.01 17.55
CA GLU C 185 -6.77 8.99 16.17
C GLU C 185 -6.92 7.54 15.73
N LYS C 186 -8.09 7.18 15.18
CA LYS C 186 -8.32 5.82 14.72
C LYS C 186 -7.55 5.50 13.44
N LEU C 187 -7.10 4.26 13.32
CA LEU C 187 -6.44 3.78 12.12
C LEU C 187 -7.53 3.42 11.12
N ASN C 188 -7.21 3.50 9.82
CA ASN C 188 -8.18 3.11 8.81
C ASN C 188 -7.83 1.74 8.24
N HIS C 189 -6.83 1.08 8.83
CA HIS C 189 -6.39 -0.24 8.40
C HIS C 189 -5.44 -0.76 9.44
N ASP C 190 -5.41 -2.06 9.65
CA ASP C 190 -4.43 -2.66 10.54
C ASP C 190 -3.30 -3.20 9.67
N LEU C 191 -2.65 -2.29 8.95
CA LEU C 191 -1.52 -2.62 8.09
C LEU C 191 -0.40 -1.67 8.50
N TYR C 192 -0.62 -0.38 8.24
CA TYR C 192 0.33 0.67 8.64
C TYR C 192 -0.25 1.47 9.79
N TRP C 193 0.60 2.22 10.48
CA TRP C 193 0.13 3.10 11.52
C TRP C 193 -0.36 4.36 10.80
N GLN C 194 -1.44 4.16 10.05
CA GLN C 194 -2.03 5.14 9.15
C GLN C 194 -3.41 5.63 9.61
N ILE C 195 -3.56 6.94 9.71
CA ILE C 195 -4.78 7.58 10.15
C ILE C 195 -5.19 8.63 9.14
N THR C 196 -6.39 9.20 9.30
CA THR C 196 -6.90 10.20 8.37
C THR C 196 -6.97 11.60 8.99
N LEU C 197 -6.35 12.57 8.32
CA LEU C 197 -6.36 13.95 8.80
C LEU C 197 -6.51 14.89 7.62
N ASP C 198 -6.86 16.14 7.88
CA ASP C 198 -6.91 17.14 6.82
C ASP C 198 -5.56 17.81 6.85
N ALA C 199 -4.97 18.01 5.66
CA ALA C 199 -3.65 18.63 5.53
C ALA C 199 -3.78 20.03 4.95
N HIS C 200 -3.52 21.04 5.77
CA HIS C 200 -3.65 22.42 5.33
C HIS C 200 -2.31 23.15 5.47
N VAL C 201 -1.44 23.02 4.47
CA VAL C 201 -0.14 23.69 4.49
C VAL C 201 -0.27 25.00 3.74
N GLY C 202 -0.28 26.11 4.47
CA GLY C 202 -0.41 27.41 3.82
C GLY C 202 -1.79 27.55 3.22
N ASN C 203 -1.84 27.74 1.90
CA ASN C 203 -3.12 27.88 1.24
C ASN C 203 -3.54 26.60 0.51
N ILE C 204 -2.66 25.59 0.53
CA ILE C 204 -2.94 24.30 -0.08
C ILE C 204 -3.69 23.40 0.93
N MET C 205 -4.74 22.70 0.48
CA MET C 205 -5.53 21.86 1.37
C MET C 205 -5.84 20.49 0.79
N LEU C 206 -5.54 19.44 1.56
CA LEU C 206 -5.91 18.08 1.19
C LEU C 206 -6.84 17.51 2.25
N GLU C 207 -8.14 17.49 1.94
CA GLU C 207 -9.17 16.99 2.85
C GLU C 207 -9.09 15.47 2.96
N LYS C 208 -9.20 14.95 4.18
CA LYS C 208 -9.16 13.50 4.41
C LYS C 208 -7.89 12.83 3.90
N ALA C 209 -6.75 13.51 4.05
CA ALA C 209 -5.47 12.97 3.62
C ALA C 209 -5.10 11.71 4.40
N ASN C 210 -4.39 10.82 3.72
CA ASN C 210 -3.93 9.55 4.28
C ASN C 210 -2.61 9.88 4.99
N CYS C 211 -2.54 9.65 6.30
CA CYS C 211 -1.33 9.99 7.06
C CYS C 211 -0.69 8.82 7.80
N ILE C 212 0.61 8.64 7.57
CA ILE C 212 1.36 7.55 8.18
C ILE C 212 2.37 8.08 9.19
N VAL C 213 2.15 7.81 10.47
CA VAL C 213 3.12 8.18 11.50
C VAL C 213 4.22 7.13 11.35
N ASP C 214 5.43 7.56 11.04
CA ASP C 214 6.49 6.60 10.72
C ASP C 214 7.88 6.96 11.26
N SER C 215 8.35 6.18 12.24
CA SER C 215 9.67 6.40 12.82
C SER C 215 10.80 6.02 11.87
N GLY C 216 10.47 5.33 10.77
CA GLY C 216 11.47 4.90 9.82
C GLY C 216 11.77 5.87 8.70
N THR C 217 11.15 7.04 8.75
CA THR C 217 11.36 8.07 7.75
C THR C 217 12.00 9.30 8.39
N SER C 218 13.13 9.74 7.84
CA SER C 218 13.81 10.90 8.40
C SER C 218 13.16 12.23 8.04
N ALA C 219 12.39 12.26 6.95
CA ALA C 219 11.79 13.51 6.51
C ALA C 219 10.27 13.51 6.62
N ILE C 220 9.66 14.62 6.20
CA ILE C 220 8.20 14.69 6.06
C ILE C 220 7.93 14.49 4.57
N THR C 221 7.20 13.42 4.28
CA THR C 221 6.82 13.06 2.92
C THR C 221 5.55 13.80 2.52
N VAL C 222 5.47 14.18 1.25
CA VAL C 222 4.31 14.87 0.72
C VAL C 222 4.11 14.51 -0.74
N PRO C 223 2.85 14.53 -1.22
CA PRO C 223 2.61 14.20 -2.63
C PRO C 223 3.27 15.28 -3.50
N THR C 224 4.13 14.86 -4.43
CA THR C 224 4.88 15.80 -5.25
C THR C 224 4.06 17.01 -5.72
N ASP C 225 2.85 16.75 -6.25
CA ASP C 225 1.99 17.84 -6.72
C ASP C 225 1.84 18.86 -5.59
N PHE C 226 1.51 18.35 -4.40
CA PHE C 226 1.29 19.18 -3.24
C PHE C 226 2.53 19.95 -2.80
N LEU C 227 3.71 19.35 -2.95
CA LEU C 227 4.94 20.01 -2.55
C LEU C 227 5.17 21.18 -3.47
N ASN C 228 5.07 20.93 -4.77
CA ASN C 228 5.25 21.98 -5.77
C ASN C 228 4.37 23.20 -5.52
N LYS C 229 3.07 23.01 -5.34
CA LYS C 229 2.20 24.15 -5.07
C LYS C 229 2.72 24.93 -3.84
N MET C 230 3.31 24.20 -2.88
CA MET C 230 3.92 24.82 -1.69
C MET C 230 5.04 25.81 -2.07
N LEU C 231 5.86 25.41 -3.03
CA LEU C 231 6.95 26.24 -3.51
C LEU C 231 6.40 27.18 -4.59
N GLN C 232 5.33 26.71 -5.25
CA GLN C 232 4.71 27.36 -6.42
C GLN C 232 5.17 28.79 -6.69
N ASN C 233 4.99 29.64 -5.67
CA ASN C 233 5.41 31.02 -5.69
C ASN C 233 5.18 31.47 -4.27
N LEU C 234 5.18 30.49 -3.38
CA LEU C 234 4.98 30.80 -1.97
C LEU C 234 6.31 30.63 -1.24
N ASP C 235 7.35 30.21 -1.96
CA ASP C 235 8.64 29.97 -1.29
C ASP C 235 9.86 29.75 -2.22
N VAL C 236 10.85 30.64 -2.11
CA VAL C 236 12.08 30.53 -2.91
C VAL C 236 12.84 29.26 -2.50
N ILE C 237 13.27 28.49 -3.50
CA ILE C 237 14.00 27.25 -3.23
C ILE C 237 15.07 26.97 -4.26
N LYS C 238 16.29 26.74 -3.78
CA LYS C 238 17.44 26.52 -4.66
C LYS C 238 18.08 25.15 -4.42
N VAL C 239 18.31 24.38 -5.48
CA VAL C 239 18.92 23.05 -5.34
C VAL C 239 20.46 23.07 -5.48
N PRO C 240 21.15 22.16 -4.74
CA PRO C 240 22.61 22.00 -4.72
C PRO C 240 23.03 20.51 -4.75
N PHE C 241 24.33 20.26 -4.58
CA PHE C 241 24.90 18.90 -4.52
C PHE C 241 24.24 18.07 -3.40
N LEU C 242 23.67 18.76 -2.40
CA LEU C 242 23.01 18.08 -1.29
C LEU C 242 21.57 17.59 -1.63
N PRO C 243 21.16 16.47 -1.00
CA PRO C 243 19.84 15.89 -1.23
C PRO C 243 18.67 16.86 -1.32
N PHE C 244 18.42 17.59 -0.22
CA PHE C 244 17.25 18.47 -0.09
C PHE C 244 17.31 19.85 -0.74
N TYR C 245 16.16 20.50 -0.67
CA TYR C 245 15.94 21.84 -1.19
C TYR C 245 16.56 22.85 -0.24
N VAL C 246 16.77 24.07 -0.74
CA VAL C 246 17.48 25.07 0.03
C VAL C 246 16.75 26.42 0.12
N THR C 247 16.90 27.08 1.25
CA THR C 247 16.25 28.36 1.47
C THR C 247 16.98 29.04 2.60
N LEU C 248 16.62 30.29 2.89
CA LEU C 248 17.22 30.99 4.01
C LEU C 248 16.49 30.52 5.28
N CYS C 249 17.27 30.22 6.32
CA CYS C 249 16.68 29.77 7.57
C CYS C 249 15.71 30.83 8.08
N ASN C 250 16.05 32.09 7.84
CA ASN C 250 15.25 33.21 8.33
C ASN C 250 14.06 33.53 7.42
N ASN C 251 13.99 32.86 6.26
CA ASN C 251 12.91 33.10 5.30
C ASN C 251 11.55 33.15 5.99
N SER C 252 10.95 34.33 6.04
CA SER C 252 9.68 34.53 6.72
C SER C 252 8.48 33.90 6.03
N LYS C 253 8.69 33.34 4.84
CA LYS C 253 7.60 32.71 4.10
C LYS C 253 7.49 31.18 4.31
N LEU C 254 8.42 30.62 5.09
CA LEU C 254 8.37 29.20 5.41
C LEU C 254 7.02 28.91 6.04
N PRO C 255 6.27 27.96 5.48
CA PRO C 255 4.94 27.55 5.94
C PRO C 255 4.94 26.67 7.19
N THR C 256 3.74 26.46 7.76
CA THR C 256 3.58 25.57 8.91
C THR C 256 2.53 24.51 8.62
N PHE C 257 2.94 23.23 8.61
CA PHE C 257 1.99 22.16 8.34
C PHE C 257 0.88 22.20 9.37
N GLU C 258 -0.36 21.98 8.93
CA GLU C 258 -1.45 21.90 9.87
C GLU C 258 -2.39 20.75 9.50
N PHE C 259 -2.36 19.68 10.30
CA PHE C 259 -3.23 18.54 10.07
C PHE C 259 -4.31 18.56 11.14
N THR C 260 -5.56 18.34 10.73
CA THR C 260 -6.67 18.40 11.68
C THR C 260 -7.63 17.23 11.59
N SER C 261 -8.17 16.86 12.75
CA SER C 261 -9.17 15.82 12.87
C SER C 261 -10.27 16.41 13.75
N GLU C 262 -11.27 15.59 14.06
CA GLU C 262 -12.35 16.01 14.95
C GLU C 262 -11.77 16.20 16.33
N ASN C 263 -10.77 15.38 16.66
CA ASN C 263 -10.23 15.35 18.01
C ASN C 263 -8.98 16.18 18.25
N GLY C 264 -8.28 16.59 17.19
CA GLY C 264 -7.09 17.37 17.43
C GLY C 264 -6.54 18.19 16.28
N LYS C 265 -5.60 19.07 16.60
CA LYS C 265 -4.98 19.89 15.60
C LYS C 265 -3.49 19.78 15.88
N TYR C 266 -2.73 19.32 14.89
CA TYR C 266 -1.30 19.14 15.05
C TYR C 266 -0.56 20.02 14.06
N THR C 267 0.38 20.83 14.54
CA THR C 267 1.09 21.74 13.66
C THR C 267 2.57 21.44 13.69
N LEU C 268 3.25 21.69 12.56
CA LEU C 268 4.68 21.46 12.48
C LEU C 268 5.37 22.70 11.90
N GLU C 269 5.82 23.58 12.80
CA GLU C 269 6.47 24.83 12.43
C GLU C 269 7.82 24.59 11.77
N PRO C 270 8.33 25.58 11.03
CA PRO C 270 9.63 25.46 10.36
C PRO C 270 10.76 24.93 11.23
N GLU C 271 10.84 25.45 12.47
CA GLU C 271 11.89 25.04 13.41
C GLU C 271 12.03 23.52 13.52
N TYR C 272 11.05 22.79 12.97
CA TYR C 272 11.04 21.33 13.06
C TYR C 272 11.48 20.60 11.80
N TYR C 273 11.57 21.31 10.68
CA TYR C 273 11.98 20.67 9.45
C TYR C 273 13.08 21.42 8.71
N LEU C 274 13.75 22.33 9.41
CA LEU C 274 14.83 23.09 8.82
C LEU C 274 16.16 22.50 9.24
N GLN C 275 17.06 22.34 8.28
CA GLN C 275 18.38 21.78 8.53
C GLN C 275 19.44 22.81 8.15
N HIS C 276 20.01 23.47 9.15
CA HIS C 276 21.07 24.44 8.87
C HIS C 276 22.15 23.73 8.08
N ILE C 277 22.75 24.45 7.11
CA ILE C 277 23.83 23.91 6.31
C ILE C 277 24.80 25.05 5.99
N GLU C 278 25.24 25.73 7.05
CA GLU C 278 26.18 26.85 6.94
C GLU C 278 27.24 26.54 5.89
N ASP C 279 27.86 25.36 6.00
CA ASP C 279 28.87 24.88 5.06
C ASP C 279 28.54 25.35 3.65
N VAL C 280 27.35 24.96 3.16
CA VAL C 280 26.92 25.34 1.82
C VAL C 280 26.82 26.86 1.71
N GLY C 281 26.26 27.50 2.74
CA GLY C 281 26.13 28.94 2.71
C GLY C 281 25.67 29.58 4.00
N PRO C 282 26.36 30.64 4.44
CA PRO C 282 25.98 31.32 5.69
C PRO C 282 24.51 31.73 5.72
N GLY C 283 23.76 31.11 6.63
CA GLY C 283 22.34 31.41 6.77
C GLY C 283 21.43 30.45 6.01
N LEU C 284 22.04 29.52 5.29
CA LEU C 284 21.28 28.56 4.51
C LEU C 284 20.71 27.43 5.37
N CYS C 285 19.63 26.84 4.86
CA CYS C 285 18.95 25.72 5.52
C CYS C 285 18.33 24.85 4.43
N MET C 286 18.32 23.53 4.66
CA MET C 286 17.64 22.64 3.74
C MET C 286 16.35 22.19 4.43
N LEU C 287 15.26 22.13 3.66
CA LEU C 287 13.98 21.70 4.22
C LEU C 287 13.96 20.19 4.28
N ASN C 288 13.57 19.65 5.43
CA ASN C 288 13.50 18.21 5.58
C ASN C 288 12.12 17.77 5.14
N ILE C 289 11.82 18.05 3.87
CA ILE C 289 10.55 17.68 3.28
C ILE C 289 10.89 17.06 1.93
N ILE C 290 10.17 16.00 1.55
CA ILE C 290 10.44 15.40 0.26
C ILE C 290 9.20 14.83 -0.39
N GLY C 291 9.22 14.81 -1.72
CA GLY C 291 8.11 14.27 -2.47
C GLY C 291 8.13 12.76 -2.54
N LEU C 292 6.94 12.17 -2.46
CA LEU C 292 6.78 10.72 -2.52
C LEU C 292 5.29 10.50 -2.79
N ASP C 293 4.98 9.96 -3.95
CA ASP C 293 3.59 9.78 -4.33
C ASP C 293 3.04 8.37 -4.12
N PHE C 294 1.84 8.31 -3.57
CA PHE C 294 1.12 7.06 -3.37
C PHE C 294 -0.07 7.16 -4.32
N PRO C 295 -0.74 6.04 -4.60
CA PRO C 295 -1.89 6.06 -5.50
C PRO C 295 -3.05 6.92 -5.00
N VAL C 296 -3.05 7.17 -3.69
CA VAL C 296 -4.03 8.04 -3.06
C VAL C 296 -3.22 9.05 -2.26
N PRO C 297 -3.57 10.34 -2.35
CA PRO C 297 -2.77 11.32 -1.60
C PRO C 297 -2.42 10.83 -0.21
N THR C 298 -1.12 10.89 0.10
CA THR C 298 -0.61 10.43 1.39
C THR C 298 0.62 11.22 1.84
N PHE C 299 0.71 11.43 3.15
CA PHE C 299 1.83 12.12 3.75
C PHE C 299 2.48 11.09 4.69
N ILE C 300 3.79 11.18 4.87
CA ILE C 300 4.45 10.33 5.85
C ILE C 300 4.92 11.29 6.93
N LEU C 301 4.22 11.27 8.08
CA LEU C 301 4.60 12.13 9.20
C LEU C 301 5.85 11.51 9.83
N GLY C 302 7.01 11.85 9.24
CA GLY C 302 8.28 11.32 9.70
C GLY C 302 8.86 11.83 10.99
N ASP C 303 10.15 11.57 11.19
CA ASP C 303 10.82 11.97 12.42
C ASP C 303 10.59 13.42 12.80
N PRO C 304 10.69 14.36 11.83
CA PRO C 304 10.46 15.76 12.17
C PRO C 304 9.17 16.01 12.94
N PHE C 305 8.15 15.20 12.66
CA PHE C 305 6.86 15.31 13.33
C PHE C 305 6.88 14.64 14.71
N MET C 306 7.42 13.42 14.77
CA MET C 306 7.48 12.65 16.01
C MET C 306 8.48 13.26 16.97
N ARG C 307 9.24 14.23 16.48
CA ARG C 307 10.24 14.88 17.29
C ARG C 307 9.60 16.02 18.07
N LYS C 308 8.44 16.48 17.60
CA LYS C 308 7.72 17.50 18.32
C LYS C 308 6.58 16.85 19.09
N TYR C 309 6.08 15.75 18.55
CA TYR C 309 4.94 15.08 19.15
C TYR C 309 5.19 13.68 19.69
N PHE C 310 4.97 13.52 21.00
CA PHE C 310 5.08 12.23 21.64
C PHE C 310 3.98 11.42 20.98
N THR C 311 4.25 10.15 20.69
CA THR C 311 3.26 9.33 20.02
C THR C 311 3.04 7.98 20.71
N VAL C 312 1.78 7.51 20.69
CA VAL C 312 1.41 6.24 21.28
C VAL C 312 0.88 5.34 20.16
N PHE C 313 1.48 4.16 20.04
CA PHE C 313 1.04 3.20 19.02
C PHE C 313 0.34 2.08 19.77
N ASP C 314 -0.99 2.16 19.81
CA ASP C 314 -1.84 1.26 20.58
C ASP C 314 -2.57 0.20 19.77
N TYR C 315 -2.06 -1.04 19.78
CA TYR C 315 -2.70 -2.14 19.06
C TYR C 315 -4.09 -2.47 19.58
N ASP C 316 -4.23 -2.54 20.90
CA ASP C 316 -5.49 -2.91 21.51
C ASP C 316 -6.61 -2.00 21.10
N ASN C 317 -6.27 -0.76 20.75
CA ASN C 317 -7.26 0.25 20.41
C ASN C 317 -7.18 0.67 18.96
N HIS C 318 -6.29 -0.01 18.21
CA HIS C 318 -6.14 0.22 16.79
C HIS C 318 -6.14 1.72 16.50
N SER C 319 -5.37 2.45 17.29
CA SER C 319 -5.29 3.89 17.10
C SER C 319 -3.91 4.42 17.46
N VAL C 320 -3.66 5.67 17.08
CA VAL C 320 -2.39 6.33 17.36
C VAL C 320 -2.71 7.54 18.22
N GLY C 321 -1.97 7.67 19.32
CA GLY C 321 -2.18 8.81 20.21
C GLY C 321 -1.13 9.86 19.94
N ILE C 322 -1.51 11.13 20.03
CA ILE C 322 -0.56 12.21 19.80
C ILE C 322 -0.62 13.21 20.93
N ALA C 323 0.56 13.55 21.44
CA ALA C 323 0.70 14.53 22.52
C ALA C 323 1.97 15.33 22.31
N LEU C 324 1.91 16.60 22.67
CA LEU C 324 3.04 17.51 22.56
C LEU C 324 4.13 17.00 23.50
N ALA C 325 5.35 16.83 22.98
CA ALA C 325 6.41 16.23 23.78
C ALA C 325 7.12 17.22 24.70
N LYS C 326 7.43 16.78 25.92
CA LYS C 326 8.19 17.62 26.83
C LYS C 326 9.53 17.90 26.16
N LYS C 327 9.89 19.18 26.08
CA LYS C 327 11.12 19.59 25.42
C LYS C 327 12.33 19.01 26.10
N ASN C 328 12.16 18.56 27.34
CA ASN C 328 13.25 17.97 28.11
C ASN C 328 12.74 17.21 29.31
N LEU C 329 13.43 16.13 29.65
CA LEU C 329 13.07 15.34 30.82
C LEU C 329 13.86 15.85 32.03
N LYS D 1 17.05 8.53 -3.32
CA LYS D 1 15.75 8.00 -2.76
C LYS D 1 15.50 8.67 -1.39
N PRO D 2 14.25 8.92 -1.03
CA PRO D 2 14.00 9.54 0.26
C PRO D 2 14.16 8.53 1.42
N PHE D 3 15.07 8.82 2.36
CA PHE D 3 15.32 7.90 3.48
C PHE D 3 14.05 7.48 4.23
N SER D 4 13.50 6.34 3.86
CA SER D 4 12.28 5.83 4.47
C SER D 4 12.31 4.31 4.43
N LEU D 6 9.86 2.44 4.99
CA LEU D 6 8.53 1.84 4.87
C LEU D 6 8.59 0.67 3.89
N GLN D 7 7.91 -0.44 4.19
CA GLN D 7 7.93 -1.56 3.24
C GLN D 7 6.66 -1.74 2.40
N PHE D 8 6.86 -2.14 1.14
CA PHE D 8 5.78 -2.50 0.24
C PHE D 8 6.15 -3.81 -0.43
#